data_2HMR
# 
_entry.id   2HMR 
# 
_audit_conform.dict_name       mmcif_pdbx.dic 
_audit_conform.dict_version    5.392 
_audit_conform.dict_location   http://mmcif.pdb.org/dictionaries/ascii/mmcif_pdbx.dic 
# 
loop_
_database_2.database_id 
_database_2.database_code 
_database_2.pdbx_database_accession 
_database_2.pdbx_DOI 
PDB   2HMR         pdb_00002hmr 10.2210/pdb2hmr/pdb 
RCSB  RCSB038523   ?            ?                   
WWPDB D_1000038523 ?            ?                   
# 
loop_
_pdbx_audit_revision_history.ordinal 
_pdbx_audit_revision_history.data_content_type 
_pdbx_audit_revision_history.major_revision 
_pdbx_audit_revision_history.minor_revision 
_pdbx_audit_revision_history.revision_date 
1 'Structure model' 1 0 2007-03-13 
2 'Structure model' 1 1 2008-05-01 
3 'Structure model' 1 2 2011-07-13 
4 'Structure model' 1 3 2022-03-09 
5 'Structure model' 1 4 2024-05-29 
# 
_pdbx_audit_revision_details.ordinal             1 
_pdbx_audit_revision_details.revision_ordinal    1 
_pdbx_audit_revision_details.data_content_type   'Structure model' 
_pdbx_audit_revision_details.provider            repository 
_pdbx_audit_revision_details.type                'Initial release' 
_pdbx_audit_revision_details.description         ? 
_pdbx_audit_revision_details.details             ? 
# 
loop_
_pdbx_audit_revision_group.ordinal 
_pdbx_audit_revision_group.revision_ordinal 
_pdbx_audit_revision_group.data_content_type 
_pdbx_audit_revision_group.group 
1 2 'Structure model' 'Version format compliance' 
2 3 'Structure model' 'Version format compliance' 
3 4 'Structure model' 'Data collection'           
4 4 'Structure model' 'Database references'       
5 4 'Structure model' 'Derived calculations'      
6 5 'Structure model' 'Data collection'           
# 
loop_
_pdbx_audit_revision_category.ordinal 
_pdbx_audit_revision_category.revision_ordinal 
_pdbx_audit_revision_category.data_content_type 
_pdbx_audit_revision_category.category 
1 4 'Structure model' database_2            
2 4 'Structure model' pdbx_nmr_software     
3 4 'Structure model' pdbx_nmr_spectrometer 
4 4 'Structure model' pdbx_struct_assembly  
5 4 'Structure model' pdbx_struct_oper_list 
6 4 'Structure model' struct_conn           
7 5 'Structure model' chem_comp_atom        
8 5 'Structure model' chem_comp_bond        
# 
loop_
_pdbx_audit_revision_item.ordinal 
_pdbx_audit_revision_item.revision_ordinal 
_pdbx_audit_revision_item.data_content_type 
_pdbx_audit_revision_item.item 
1  4 'Structure model' '_database_2.pdbx_DOI'                
2  4 'Structure model' '_database_2.pdbx_database_accession' 
3  4 'Structure model' '_pdbx_nmr_software.name'             
4  4 'Structure model' '_pdbx_nmr_spectrometer.model'        
5  4 'Structure model' '_struct_conn.pdbx_dist_value'        
6  4 'Structure model' '_struct_conn.pdbx_leaving_atom_flag' 
7  4 'Structure model' '_struct_conn.ptnr1_auth_comp_id'     
8  4 'Structure model' '_struct_conn.ptnr1_auth_seq_id'      
9  4 'Structure model' '_struct_conn.ptnr1_label_atom_id'    
10 4 'Structure model' '_struct_conn.ptnr1_label_comp_id'    
11 4 'Structure model' '_struct_conn.ptnr1_label_seq_id'     
12 4 'Structure model' '_struct_conn.ptnr2_auth_asym_id'     
13 4 'Structure model' '_struct_conn.ptnr2_auth_comp_id'     
14 4 'Structure model' '_struct_conn.ptnr2_auth_seq_id'      
15 4 'Structure model' '_struct_conn.ptnr2_label_asym_id'    
16 4 'Structure model' '_struct_conn.ptnr2_label_atom_id'    
17 4 'Structure model' '_struct_conn.ptnr2_label_comp_id'    
18 4 'Structure model' '_struct_conn.ptnr2_label_seq_id'     
# 
_pdbx_database_status.entry_id                        2HMR 
_pdbx_database_status.status_code                     REL 
_pdbx_database_status.recvd_initial_deposition_date   2006-07-11 
_pdbx_database_status.deposit_site                    RCSB 
_pdbx_database_status.process_site                    RCSB 
_pdbx_database_status.status_code_mr                  REL 
_pdbx_database_status.SG_entry                        N 
_pdbx_database_status.status_code_sf                  ? 
_pdbx_database_status.pdb_format_compatible           Y 
_pdbx_database_status.status_code_cs                  ? 
_pdbx_database_status.status_code_nmr_data            ? 
_pdbx_database_status.methods_development_category    ? 
# 
loop_
_pdbx_database_related.db_name 
_pdbx_database_related.db_id 
_pdbx_database_related.details 
_pdbx_database_related.content_type 
PDB 2HLI 'S-methyl stereochemistry but opened species (cross-link precursor)' unspecified 
PDB 2HMD 'R-methyl stereochemistry'                                           unspecified 
# 
loop_
_audit_author.name 
_audit_author.pdbx_ordinal 
'Cho, Y.-J.'    1 
'Kozekov, I.D.' 2 
'Harris, T.M.'  3 
'Rizzo, C.J.'   4 
'Stone, M.P.'   5 
# 
_citation.id                        primary 
_citation.title                     
;Stereochemistry Modulates the Stability of Reduced Interstrand Cross-Links Arising from R- and S-alpha-CH(3)-gamma-OH-1,N(2)-Propano-2'-deoxyguanosine in the 5'-CpG-3' DNA Sequence
;
_citation.journal_abbrev            Biochemistry 
_citation.journal_volume            46 
_citation.page_first                2608 
_citation.page_last                 2621 
_citation.year                      2007 
_citation.journal_id_ASTM           BICHAW 
_citation.country                   US 
_citation.journal_id_ISSN           0006-2960 
_citation.journal_id_CSD            0033 
_citation.book_publisher            ? 
_citation.pdbx_database_id_PubMed   17305317 
_citation.pdbx_database_id_DOI      10.1021/bi061381h 
# 
loop_
_citation_author.citation_id 
_citation_author.name 
_citation_author.ordinal 
_citation_author.identifier_ORCID 
primary 'Cho, Y.-J.'    1 ? 
primary 'Kozekov, I.D.' 2 ? 
primary 'Harris, T.M.'  3 ? 
primary 'Rizzo, C.J.'   4 ? 
primary 'Stone, M.P.'   5 ? 
# 
loop_
_entity.id 
_entity.type 
_entity.src_method 
_entity.pdbx_description 
_entity.formula_weight 
_entity.pdbx_number_of_molecules 
_entity.pdbx_ec 
_entity.pdbx_mutation 
_entity.pdbx_fragment 
_entity.details 
1 polymer syn 'DNA dodecamer with interstrand cross-link' 3691.445 1 ? ? ? 'G7 of chain A and B linked' 
2 polymer syn 'DNA dodecamer with interstrand cross-link' 3691.445 1 ? ? ? 'G7 of chain A and B linked' 
# 
loop_
_entity_poly.entity_id 
_entity_poly.type 
_entity_poly.nstd_linkage 
_entity_poly.nstd_monomer 
_entity_poly.pdbx_seq_one_letter_code 
_entity_poly.pdbx_seq_one_letter_code_can 
_entity_poly.pdbx_strand_id 
_entity_poly.pdbx_target_identifier 
1 polydeoxyribonucleotide no yes '(DG)(DC)(DT)(DA)(DG)(DC)(2EG)(DA)(DG)(DT)(DC)(DC)' GCTAGCGAGTCC A ? 
2 polydeoxyribonucleotide no yes '(DG)(DG)(DA)(DC)(DT)(DC)(2EG)(DC)(DT)(DA)(DG)(DC)' GGACTCGCTAGC B ? 
# 
loop_
_entity_poly_seq.entity_id 
_entity_poly_seq.num 
_entity_poly_seq.mon_id 
_entity_poly_seq.hetero 
1 1  DG  n 
1 2  DC  n 
1 3  DT  n 
1 4  DA  n 
1 5  DG  n 
1 6  DC  n 
1 7  2EG n 
1 8  DA  n 
1 9  DG  n 
1 10 DT  n 
1 11 DC  n 
1 12 DC  n 
2 1  DG  n 
2 2  DG  n 
2 3  DA  n 
2 4  DC  n 
2 5  DT  n 
2 6  DC  n 
2 7  2EG n 
2 8  DC  n 
2 9  DT  n 
2 10 DA  n 
2 11 DG  n 
2 12 DC  n 
# 
loop_
_chem_comp.id 
_chem_comp.type 
_chem_comp.mon_nstd_flag 
_chem_comp.name 
_chem_comp.pdbx_synonyms 
_chem_comp.formula 
_chem_comp.formula_weight 
2EG 'DNA linking' n 
;2'-DEOXY-N-ETHYLGUANOSINE 5'-PHOSPHATE
;
? 'C12 H18 N5 O7 P' 375.274 
DA  'DNA linking' y "2'-DEOXYADENOSINE-5'-MONOPHOSPHATE"     ? 'C10 H14 N5 O6 P' 331.222 
DC  'DNA linking' y "2'-DEOXYCYTIDINE-5'-MONOPHOSPHATE"      ? 'C9 H14 N3 O7 P'  307.197 
DG  'DNA linking' y "2'-DEOXYGUANOSINE-5'-MONOPHOSPHATE"     ? 'C10 H14 N5 O7 P' 347.221 
DT  'DNA linking' y "THYMIDINE-5'-MONOPHOSPHATE"             ? 'C10 H15 N2 O8 P' 322.208 
# 
loop_
_pdbx_poly_seq_scheme.asym_id 
_pdbx_poly_seq_scheme.entity_id 
_pdbx_poly_seq_scheme.seq_id 
_pdbx_poly_seq_scheme.mon_id 
_pdbx_poly_seq_scheme.ndb_seq_num 
_pdbx_poly_seq_scheme.pdb_seq_num 
_pdbx_poly_seq_scheme.auth_seq_num 
_pdbx_poly_seq_scheme.pdb_mon_id 
_pdbx_poly_seq_scheme.auth_mon_id 
_pdbx_poly_seq_scheme.pdb_strand_id 
_pdbx_poly_seq_scheme.pdb_ins_code 
_pdbx_poly_seq_scheme.hetero 
A 1 1  DG  1  1  1  DG  G   A . n 
A 1 2  DC  2  2  2  DC  C   A . n 
A 1 3  DT  3  3  3  DT  T   A . n 
A 1 4  DA  4  4  4  DA  A   A . n 
A 1 5  DG  5  5  5  DG  G   A . n 
A 1 6  DC  6  6  6  DC  C   A . n 
A 1 7  2EG 7  7  7  2EG 2EG A . n 
A 1 8  DA  8  8  8  DA  A   A . n 
A 1 9  DG  9  9  9  DG  G   A . n 
A 1 10 DT  10 10 10 DT  T   A . n 
A 1 11 DC  11 11 11 DC  C   A . n 
A 1 12 DC  12 12 12 DC  C   A . n 
B 2 1  DG  1  13 13 DG  G   B . n 
B 2 2  DG  2  14 14 DG  G   B . n 
B 2 3  DA  3  15 15 DA  A   B . n 
B 2 4  DC  4  16 16 DC  C   B . n 
B 2 5  DT  5  17 17 DT  T   B . n 
B 2 6  DC  6  18 18 DC  C   B . n 
B 2 7  2EG 7  19 19 2EG 2EG B . n 
B 2 8  DC  8  20 20 DC  C   B . n 
B 2 9  DT  9  21 21 DT  T   B . n 
B 2 10 DA  10 22 22 DA  A   B . n 
B 2 11 DG  11 23 23 DG  G   B . n 
B 2 12 DC  12 24 24 DC  C   B . n 
# 
_exptl.entry_id          2HMR 
_exptl.method            'SOLUTION NMR' 
_exptl.crystals_number   ? 
# 
_struct.entry_id                  2HMR 
_struct.title                     
;Solution structure of reduced interstrand cross-link arising from S-alpha-methyl-gamma-OH-1,N2-propano-2'-deoxyguanosine in the 5'-CpG-3' DNA sequence
;
_struct.pdbx_model_details        ? 
_struct.pdbx_CASP_flag            ? 
_struct.pdbx_model_type_details   'minimized average' 
# 
_struct_keywords.entry_id        2HMR 
_struct_keywords.pdbx_keywords   DNA 
_struct_keywords.text            'crotonaldehyde interstrand DNA cross-link, DNA' 
# 
loop_
_struct_asym.id 
_struct_asym.pdbx_blank_PDB_chainid_flag 
_struct_asym.pdbx_modified 
_struct_asym.entity_id 
_struct_asym.details 
A N N 1 ? 
B N N 2 ? 
# 
loop_
_struct_ref.id 
_struct_ref.entity_id 
_struct_ref.db_name 
_struct_ref.db_code 
_struct_ref.pdbx_db_accession 
_struct_ref.pdbx_db_isoform 
_struct_ref.pdbx_seq_one_letter_code 
_struct_ref.pdbx_align_begin 
1 1 PDB 2HMR 2HMR ? ? ? 
2 2 PDB 2HMR 2HMR ? ? ? 
# 
loop_
_struct_ref_seq.align_id 
_struct_ref_seq.ref_id 
_struct_ref_seq.pdbx_PDB_id_code 
_struct_ref_seq.pdbx_strand_id 
_struct_ref_seq.seq_align_beg 
_struct_ref_seq.pdbx_seq_align_beg_ins_code 
_struct_ref_seq.seq_align_end 
_struct_ref_seq.pdbx_seq_align_end_ins_code 
_struct_ref_seq.pdbx_db_accession 
_struct_ref_seq.db_align_beg 
_struct_ref_seq.pdbx_db_align_beg_ins_code 
_struct_ref_seq.db_align_end 
_struct_ref_seq.pdbx_db_align_end_ins_code 
_struct_ref_seq.pdbx_auth_seq_align_beg 
_struct_ref_seq.pdbx_auth_seq_align_end 
1 1 2HMR A 1 ? 12 ? 2HMR 1  ? 12 ? 1  12 
2 2 2HMR B 1 ? 12 ? 2HMR 13 ? 24 ? 13 24 
# 
_pdbx_struct_assembly.id                   1 
_pdbx_struct_assembly.details              author_defined_assembly 
_pdbx_struct_assembly.method_details       ? 
_pdbx_struct_assembly.oligomeric_details   dimeric 
_pdbx_struct_assembly.oligomeric_count     2 
# 
_pdbx_struct_assembly_gen.assembly_id       1 
_pdbx_struct_assembly_gen.oper_expression   1 
_pdbx_struct_assembly_gen.asym_id_list      A,B 
# 
_pdbx_struct_oper_list.id                   1 
_pdbx_struct_oper_list.type                 'identity operation' 
_pdbx_struct_oper_list.name                 1_555 
_pdbx_struct_oper_list.symmetry_operation   x,y,z 
_pdbx_struct_oper_list.matrix[1][1]         1.0000000000 
_pdbx_struct_oper_list.matrix[1][2]         0.0000000000 
_pdbx_struct_oper_list.matrix[1][3]         0.0000000000 
_pdbx_struct_oper_list.vector[1]            0.0000000000 
_pdbx_struct_oper_list.matrix[2][1]         0.0000000000 
_pdbx_struct_oper_list.matrix[2][2]         1.0000000000 
_pdbx_struct_oper_list.matrix[2][3]         0.0000000000 
_pdbx_struct_oper_list.vector[2]            0.0000000000 
_pdbx_struct_oper_list.matrix[3][1]         0.0000000000 
_pdbx_struct_oper_list.matrix[3][2]         0.0000000000 
_pdbx_struct_oper_list.matrix[3][3]         1.0000000000 
_pdbx_struct_oper_list.vector[3]            0.0000000000 
# 
_struct_biol.id   1 
# 
loop_
_struct_conn.id 
_struct_conn.conn_type_id 
_struct_conn.pdbx_leaving_atom_flag 
_struct_conn.pdbx_PDB_id 
_struct_conn.ptnr1_label_asym_id 
_struct_conn.ptnr1_label_comp_id 
_struct_conn.ptnr1_label_seq_id 
_struct_conn.ptnr1_label_atom_id 
_struct_conn.pdbx_ptnr1_label_alt_id 
_struct_conn.pdbx_ptnr1_PDB_ins_code 
_struct_conn.pdbx_ptnr1_standard_comp_id 
_struct_conn.ptnr1_symmetry 
_struct_conn.ptnr2_label_asym_id 
_struct_conn.ptnr2_label_comp_id 
_struct_conn.ptnr2_label_seq_id 
_struct_conn.ptnr2_label_atom_id 
_struct_conn.pdbx_ptnr2_label_alt_id 
_struct_conn.pdbx_ptnr2_PDB_ins_code 
_struct_conn.ptnr1_auth_asym_id 
_struct_conn.ptnr1_auth_comp_id 
_struct_conn.ptnr1_auth_seq_id 
_struct_conn.ptnr2_auth_asym_id 
_struct_conn.ptnr2_auth_comp_id 
_struct_conn.ptnr2_auth_seq_id 
_struct_conn.ptnr2_symmetry 
_struct_conn.pdbx_ptnr3_label_atom_id 
_struct_conn.pdbx_ptnr3_label_seq_id 
_struct_conn.pdbx_ptnr3_label_comp_id 
_struct_conn.pdbx_ptnr3_label_asym_id 
_struct_conn.pdbx_ptnr3_label_alt_id 
_struct_conn.pdbx_ptnr3_PDB_ins_code 
_struct_conn.details 
_struct_conn.pdbx_dist_value 
_struct_conn.pdbx_value_order 
_struct_conn.pdbx_role 
covale1  covale both ? A DC  6  "O3'" ? ? ? 1_555 A 2EG 7  P   ? ? A DC  6  A 2EG 7  1_555 ? ? ? ? ? ? ?            1.606 ? ? 
covale2  covale one  ? A 2EG 7  "O3'" ? ? ? 1_555 A DA  8  P   ? ? A 2EG 7  A DA  8  1_555 ? ? ? ? ? ? ?            1.606 ? ? 
covale3  covale none ? A 2EG 7  C21   ? ? ? 1_555 B 2EG 7  C22 ? ? A 2EG 7  B 2EG 19 1_555 ? ? ? ? ? ? ?            1.556 ? ? 
covale4  covale both ? B DC  6  "O3'" ? ? ? 1_555 B 2EG 7  P   ? ? B DC  18 B 2EG 19 1_555 ? ? ? ? ? ? ?            1.612 ? ? 
covale5  covale one  ? B 2EG 7  "O3'" ? ? ? 1_555 B DC  8  P   ? ? B 2EG 19 B DC  20 1_555 ? ? ? ? ? ? ?            1.612 ? ? 
hydrog1  hydrog ?    ? A DG  1  N1    ? ? ? 1_555 B DC  12 N3  ? ? A DG  1  B DC  24 1_555 ? ? ? ? ? ? WATSON-CRICK ?     ? ? 
hydrog2  hydrog ?    ? A DG  1  N2    ? ? ? 1_555 B DC  12 O2  ? ? A DG  1  B DC  24 1_555 ? ? ? ? ? ? WATSON-CRICK ?     ? ? 
hydrog3  hydrog ?    ? A DG  1  O6    ? ? ? 1_555 B DC  12 N4  ? ? A DG  1  B DC  24 1_555 ? ? ? ? ? ? WATSON-CRICK ?     ? ? 
hydrog4  hydrog ?    ? A DC  2  N3    ? ? ? 1_555 B DG  11 N1  ? ? A DC  2  B DG  23 1_555 ? ? ? ? ? ? WATSON-CRICK ?     ? ? 
hydrog5  hydrog ?    ? A DC  2  N4    ? ? ? 1_555 B DG  11 O6  ? ? A DC  2  B DG  23 1_555 ? ? ? ? ? ? WATSON-CRICK ?     ? ? 
hydrog6  hydrog ?    ? A DC  2  O2    ? ? ? 1_555 B DG  11 N2  ? ? A DC  2  B DG  23 1_555 ? ? ? ? ? ? WATSON-CRICK ?     ? ? 
hydrog7  hydrog ?    ? A DT  3  N3    ? ? ? 1_555 B DA  10 N1  ? ? A DT  3  B DA  22 1_555 ? ? ? ? ? ? WATSON-CRICK ?     ? ? 
hydrog8  hydrog ?    ? A DT  3  O4    ? ? ? 1_555 B DA  10 N6  ? ? A DT  3  B DA  22 1_555 ? ? ? ? ? ? WATSON-CRICK ?     ? ? 
hydrog9  hydrog ?    ? A DA  4  N1    ? ? ? 1_555 B DT  9  N3  ? ? A DA  4  B DT  21 1_555 ? ? ? ? ? ? WATSON-CRICK ?     ? ? 
hydrog10 hydrog ?    ? A DA  4  N6    ? ? ? 1_555 B DT  9  O4  ? ? A DA  4  B DT  21 1_555 ? ? ? ? ? ? WATSON-CRICK ?     ? ? 
hydrog11 hydrog ?    ? A DG  5  N1    ? ? ? 1_555 B DC  8  N3  ? ? A DG  5  B DC  20 1_555 ? ? ? ? ? ? WATSON-CRICK ?     ? ? 
hydrog12 hydrog ?    ? A DG  5  N2    ? ? ? 1_555 B DC  8  O2  ? ? A DG  5  B DC  20 1_555 ? ? ? ? ? ? WATSON-CRICK ?     ? ? 
hydrog13 hydrog ?    ? A DG  5  O6    ? ? ? 1_555 B DC  8  N4  ? ? A DG  5  B DC  20 1_555 ? ? ? ? ? ? WATSON-CRICK ?     ? ? 
hydrog14 hydrog ?    ? A DC  6  N3    ? ? ? 1_555 B 2EG 7  N1  ? ? A DC  6  B 2EG 19 1_555 ? ? ? ? ? ? WATSON-CRICK ?     ? ? 
hydrog15 hydrog ?    ? A DC  6  N4    ? ? ? 1_555 B 2EG 7  O6  ? ? A DC  6  B 2EG 19 1_555 ? ? ? ? ? ? WATSON-CRICK ?     ? ? 
hydrog16 hydrog ?    ? A DC  6  O2    ? ? ? 1_555 B 2EG 7  N2  ? ? A DC  6  B 2EG 19 1_555 ? ? ? ? ? ? WATSON-CRICK ?     ? ? 
hydrog17 hydrog ?    ? A 2EG 7  N1    ? ? ? 1_555 B DC  6  N3  ? ? A 2EG 7  B DC  18 1_555 ? ? ? ? ? ? WATSON-CRICK ?     ? ? 
hydrog18 hydrog ?    ? A 2EG 7  N2    ? ? ? 1_555 B DC  6  O2  ? ? A 2EG 7  B DC  18 1_555 ? ? ? ? ? ? WATSON-CRICK ?     ? ? 
hydrog19 hydrog ?    ? A 2EG 7  O6    ? ? ? 1_555 B DC  6  N4  ? ? A 2EG 7  B DC  18 1_555 ? ? ? ? ? ? WATSON-CRICK ?     ? ? 
hydrog20 hydrog ?    ? A DA  8  N1    ? ? ? 1_555 B DT  5  N3  ? ? A DA  8  B DT  17 1_555 ? ? ? ? ? ? WATSON-CRICK ?     ? ? 
hydrog21 hydrog ?    ? A DA  8  N6    ? ? ? 1_555 B DT  5  O4  ? ? A DA  8  B DT  17 1_555 ? ? ? ? ? ? WATSON-CRICK ?     ? ? 
hydrog22 hydrog ?    ? A DG  9  N1    ? ? ? 1_555 B DC  4  N3  ? ? A DG  9  B DC  16 1_555 ? ? ? ? ? ? WATSON-CRICK ?     ? ? 
hydrog23 hydrog ?    ? A DG  9  N2    ? ? ? 1_555 B DC  4  O2  ? ? A DG  9  B DC  16 1_555 ? ? ? ? ? ? WATSON-CRICK ?     ? ? 
hydrog24 hydrog ?    ? A DG  9  O6    ? ? ? 1_555 B DC  4  N4  ? ? A DG  9  B DC  16 1_555 ? ? ? ? ? ? WATSON-CRICK ?     ? ? 
hydrog25 hydrog ?    ? A DT  10 N3    ? ? ? 1_555 B DA  3  N1  ? ? A DT  10 B DA  15 1_555 ? ? ? ? ? ? WATSON-CRICK ?     ? ? 
hydrog26 hydrog ?    ? A DT  10 O4    ? ? ? 1_555 B DA  3  N6  ? ? A DT  10 B DA  15 1_555 ? ? ? ? ? ? WATSON-CRICK ?     ? ? 
hydrog27 hydrog ?    ? A DC  11 N3    ? ? ? 1_555 B DG  2  N1  ? ? A DC  11 B DG  14 1_555 ? ? ? ? ? ? WATSON-CRICK ?     ? ? 
hydrog28 hydrog ?    ? A DC  11 N4    ? ? ? 1_555 B DG  2  O6  ? ? A DC  11 B DG  14 1_555 ? ? ? ? ? ? WATSON-CRICK ?     ? ? 
hydrog29 hydrog ?    ? A DC  11 O2    ? ? ? 1_555 B DG  2  N2  ? ? A DC  11 B DG  14 1_555 ? ? ? ? ? ? WATSON-CRICK ?     ? ? 
hydrog30 hydrog ?    ? A DC  12 N3    ? ? ? 1_555 B DG  1  N1  ? ? A DC  12 B DG  13 1_555 ? ? ? ? ? ? WATSON-CRICK ?     ? ? 
hydrog31 hydrog ?    ? A DC  12 N4    ? ? ? 1_555 B DG  1  O6  ? ? A DC  12 B DG  13 1_555 ? ? ? ? ? ? WATSON-CRICK ?     ? ? 
hydrog32 hydrog ?    ? A DC  12 O2    ? ? ? 1_555 B DG  1  N2  ? ? A DC  12 B DG  13 1_555 ? ? ? ? ? ? WATSON-CRICK ?     ? ? 
# 
loop_
_struct_conn_type.id 
_struct_conn_type.criteria 
_struct_conn_type.reference 
covale ? ? 
hydrog ? ? 
# 
loop_
_pdbx_validate_rmsd_angle.id 
_pdbx_validate_rmsd_angle.PDB_model_num 
_pdbx_validate_rmsd_angle.auth_atom_id_1 
_pdbx_validate_rmsd_angle.auth_asym_id_1 
_pdbx_validate_rmsd_angle.auth_comp_id_1 
_pdbx_validate_rmsd_angle.auth_seq_id_1 
_pdbx_validate_rmsd_angle.PDB_ins_code_1 
_pdbx_validate_rmsd_angle.label_alt_id_1 
_pdbx_validate_rmsd_angle.auth_atom_id_2 
_pdbx_validate_rmsd_angle.auth_asym_id_2 
_pdbx_validate_rmsd_angle.auth_comp_id_2 
_pdbx_validate_rmsd_angle.auth_seq_id_2 
_pdbx_validate_rmsd_angle.PDB_ins_code_2 
_pdbx_validate_rmsd_angle.label_alt_id_2 
_pdbx_validate_rmsd_angle.auth_atom_id_3 
_pdbx_validate_rmsd_angle.auth_asym_id_3 
_pdbx_validate_rmsd_angle.auth_comp_id_3 
_pdbx_validate_rmsd_angle.auth_seq_id_3 
_pdbx_validate_rmsd_angle.PDB_ins_code_3 
_pdbx_validate_rmsd_angle.label_alt_id_3 
_pdbx_validate_rmsd_angle.angle_value 
_pdbx_validate_rmsd_angle.angle_target_value 
_pdbx_validate_rmsd_angle.angle_deviation 
_pdbx_validate_rmsd_angle.angle_standard_deviation 
_pdbx_validate_rmsd_angle.linker_flag 
1  1 N3    A DC 2  ? ? C2    A DC 2  ? ? O2 A DC 2  ? ? 117.06 121.90 -4.84 0.70 N 
2  1 C4    A DA 4  ? ? C5    A DA 4  ? ? C6 A DA 4  ? ? 113.36 117.00 -3.64 0.50 N 
3  1 C5    A DA 4  ? ? C6    A DA 4  ? ? N1 A DA 4  ? ? 121.87 117.70 4.17  0.50 N 
4  1 N1    A DA 4  ? ? C6    A DA 4  ? ? N6 A DA 4  ? ? 113.47 118.60 -5.13 0.60 N 
5  1 "O4'" A DA 8  ? ? "C1'" A DA 8  ? ? N9 A DA 8  ? ? 111.54 108.30 3.24  0.30 N 
6  1 C4    A DA 8  ? ? C5    A DA 8  ? ? C6 A DA 8  ? ? 113.77 117.00 -3.23 0.50 N 
7  1 C5    A DA 8  ? ? C6    A DA 8  ? ? N1 A DA 8  ? ? 121.36 117.70 3.66  0.50 N 
8  1 N1    A DA 8  ? ? C6    A DA 8  ? ? N6 A DA 8  ? ? 112.71 118.60 -5.89 0.60 N 
9  1 "O4'" A DG 9  ? ? "C1'" A DG 9  ? ? N9 A DG 9  ? ? 112.27 108.30 3.97  0.30 N 
10 1 "O4'" A DT 10 ? ? "C1'" A DT 10 ? ? N1 A DT 10 ? ? 112.79 108.30 4.49  0.30 N 
11 1 N3    A DT 10 ? ? C2    A DT 10 ? ? O2 A DT 10 ? ? 118.58 122.30 -3.72 0.60 N 
12 1 "O4'" A DC 11 ? ? "C1'" A DC 11 ? ? N1 A DC 11 ? ? 111.63 108.30 3.33  0.30 N 
13 1 N3    A DC 11 ? ? C2    A DC 11 ? ? O2 A DC 11 ? ? 116.83 121.90 -5.07 0.70 N 
14 1 "O4'" A DC 12 ? ? "C1'" A DC 12 ? ? N1 A DC 12 ? ? 110.90 108.30 2.60  0.30 N 
15 1 N1    B DG 14 ? ? C6    B DG 14 ? ? O6 B DG 14 ? ? 116.01 119.90 -3.89 0.60 N 
16 1 "O4'" B DA 15 ? ? "C1'" B DA 15 ? ? N9 B DA 15 ? ? 111.60 108.30 3.30  0.30 N 
17 1 C4    B DA 15 ? ? C5    B DA 15 ? ? C6 B DA 15 ? ? 113.56 117.00 -3.44 0.50 N 
18 1 C5    B DA 15 ? ? C6    B DA 15 ? ? N1 B DA 15 ? ? 121.83 117.70 4.13  0.50 N 
19 1 N1    B DA 15 ? ? C6    B DA 15 ? ? N6 B DA 15 ? ? 114.52 118.60 -4.08 0.60 N 
20 1 "O4'" B DC 16 ? ? "C1'" B DC 16 ? ? N1 B DC 16 ? ? 112.71 108.30 4.41  0.30 N 
21 1 N1    B DC 16 ? ? C2    B DC 16 ? ? O2 B DC 16 ? ? 122.54 118.90 3.64  0.60 N 
22 1 N3    B DC 16 ? ? C2    B DC 16 ? ? O2 B DC 16 ? ? 116.82 121.90 -5.08 0.70 N 
23 1 C6    B DT 17 ? ? C5    B DT 17 ? ? C7 B DT 17 ? ? 119.01 122.90 -3.89 0.60 N 
24 1 N3    B DC 18 ? ? C2    B DC 18 ? ? O2 B DC 18 ? ? 116.99 121.90 -4.91 0.70 N 
25 1 N1    B DC 20 ? ? C2    B DC 20 ? ? O2 B DC 20 ? ? 122.59 118.90 3.69  0.60 N 
26 1 N3    B DC 20 ? ? C2    B DC 20 ? ? O2 B DC 20 ? ? 116.59 121.90 -5.31 0.70 N 
27 1 "O4'" B DT 21 ? ? "C1'" B DT 21 ? ? N1 B DT 21 ? ? 112.17 108.30 3.87  0.30 N 
28 1 C6    B DT 21 ? ? C5    B DT 21 ? ? C7 B DT 21 ? ? 119.26 122.90 -3.64 0.60 N 
29 1 "O4'" B DA 22 ? ? "C1'" B DA 22 ? ? N9 B DA 22 ? ? 113.29 108.30 4.99  0.30 N 
30 1 C4    B DA 22 ? ? C5    B DA 22 ? ? C6 B DA 22 ? ? 113.37 117.00 -3.63 0.50 N 
31 1 C5    B DA 22 ? ? C6    B DA 22 ? ? N1 B DA 22 ? ? 121.82 117.70 4.12  0.50 N 
32 1 N1    B DA 22 ? ? C6    B DA 22 ? ? N6 B DA 22 ? ? 113.84 118.60 -4.76 0.60 N 
33 1 N1    B DG 23 ? ? C6    B DG 23 ? ? O6 B DG 23 ? ? 116.13 119.90 -3.77 0.60 N 
34 1 "C3'" B DG 23 ? ? "O3'" B DG 23 ? ? P  B DC 24 ? ? 127.92 119.70 8.22  1.20 Y 
# 
loop_
_pdbx_validate_planes.id 
_pdbx_validate_planes.PDB_model_num 
_pdbx_validate_planes.auth_comp_id 
_pdbx_validate_planes.auth_asym_id 
_pdbx_validate_planes.auth_seq_id 
_pdbx_validate_planes.PDB_ins_code 
_pdbx_validate_planes.label_alt_id 
_pdbx_validate_planes.rmsd 
_pdbx_validate_planes.type 
1 1 DC A 6  ? ? 0.083 'SIDE CHAIN' 
2 1 DG B 13 ? ? 0.067 'SIDE CHAIN' 
3 1 DG B 14 ? ? 0.088 'SIDE CHAIN' 
4 1 DC B 18 ? ? 0.062 'SIDE CHAIN' 
# 
loop_
_pdbx_struct_mod_residue.id 
_pdbx_struct_mod_residue.label_asym_id 
_pdbx_struct_mod_residue.label_comp_id 
_pdbx_struct_mod_residue.label_seq_id 
_pdbx_struct_mod_residue.auth_asym_id 
_pdbx_struct_mod_residue.auth_comp_id 
_pdbx_struct_mod_residue.auth_seq_id 
_pdbx_struct_mod_residue.PDB_ins_code 
_pdbx_struct_mod_residue.parent_comp_id 
_pdbx_struct_mod_residue.details 
1 A 2EG 7 A 2EG 7  ? G 
;2'-DEOXY-N-ETHYLGUANOSINE 5'-PHOSPHATE
;
2 B 2EG 7 B 2EG 19 ? G 
;2'-DEOXY-N-ETHYLGUANOSINE 5'-PHOSPHATE
;
# 
_pdbx_nmr_ensemble.entry_id                                      2HMR 
_pdbx_nmr_ensemble.conformers_calculated_total_number            10 
_pdbx_nmr_ensemble.conformers_submitted_total_number             1 
_pdbx_nmr_ensemble.conformer_selection_criteria                  'back calculated data agree with experimental NOESY spectrum' 
_pdbx_nmr_ensemble.average_constraints_per_residue               ? 
_pdbx_nmr_ensemble.average_constraint_violations_per_residue     ? 
_pdbx_nmr_ensemble.maximum_distance_constraint_violation         ? 
_pdbx_nmr_ensemble.average_distance_constraint_violation         ? 
_pdbx_nmr_ensemble.maximum_upper_distance_constraint_violation   ? 
_pdbx_nmr_ensemble.maximum_lower_distance_constraint_violation   ? 
_pdbx_nmr_ensemble.distance_constraint_violation_method          ? 
_pdbx_nmr_ensemble.maximum_torsion_angle_constraint_violation    ? 
_pdbx_nmr_ensemble.average_torsion_angle_constraint_violation    ? 
_pdbx_nmr_ensemble.torsion_angle_constraint_violation_method     ? 
# 
_pdbx_nmr_representative.entry_id             2HMR 
_pdbx_nmr_representative.conformer_id         10 
_pdbx_nmr_representative.selection_criteria   'minimized average structure' 
# 
loop_
_pdbx_nmr_sample_details.solution_id 
_pdbx_nmr_sample_details.contents 
_pdbx_nmr_sample_details.solvent_system 
1 '2mM in 0.25 mL; 10 mM NaH2PO4; 0.1 M NaCl; 50 uM Na2EDTA' '99.996% D2O' 
2 '2mM in 0.25 mL; 10 mM NaH2PO4; 0.1 M NaCl; 50 uM Na2EDTA' '9:1 H2O:D2O' 
# 
loop_
_pdbx_nmr_exptl_sample_conditions.conditions_id 
_pdbx_nmr_exptl_sample_conditions.temperature 
_pdbx_nmr_exptl_sample_conditions.pressure 
_pdbx_nmr_exptl_sample_conditions.pH 
_pdbx_nmr_exptl_sample_conditions.ionic_strength 
_pdbx_nmr_exptl_sample_conditions.pressure_units 
_pdbx_nmr_exptl_sample_conditions.temperature_units 
1 303 1 7.0 '0.1M NaCl' atm K 
2 286 1 7.0 '0.1M NaCl' atm K 
# 
loop_
_pdbx_nmr_exptl.experiment_id 
_pdbx_nmr_exptl.conditions_id 
_pdbx_nmr_exptl.type 
_pdbx_nmr_exptl.solution_id 
1 1 '2D NOESY' 1 
2 1 DQF-COSY   1 
3 1 '2D TOCSY' 1 
4 2 '2D NOESY' 2 
# 
_pdbx_nmr_details.entry_id   2HMR 
_pdbx_nmr_details.text       'This structure was determined using standard 2D homonuclear techniques.' 
# 
_pdbx_nmr_refine.entry_id           2HMR 
_pdbx_nmr_refine.method             
;distance geometry 
simulated annealing 
molecular dynamics 
matrix relaxation
;
_pdbx_nmr_refine.details            ? 
_pdbx_nmr_refine.software_ordinal   1 
# 
loop_
_pdbx_nmr_software.classification 
_pdbx_nmr_software.name 
_pdbx_nmr_software.version 
_pdbx_nmr_software.authors 
_pdbx_nmr_software.ordinal 
processing                    XwinNMR   3.5   Bruker                 1 
processing                    NMRPipe   2.3   'Delaglio F et al.'    2 
'data analysis'               Felix     2000  'Accelrys, Inc.'       3 
'iterative matrix relaxation' MARDIGRAS 5.2.1 'Borgias, B.A. et al.' 4 
refinement                    Amber     8.0   'Case et al'           5 
'data analysis'               CORMA     5.2   'Keepers JW et al.'    6 
# 
loop_
_chem_comp_atom.comp_id 
_chem_comp_atom.atom_id 
_chem_comp_atom.type_symbol 
_chem_comp_atom.pdbx_aromatic_flag 
_chem_comp_atom.pdbx_stereo_config 
_chem_comp_atom.pdbx_ordinal 
2EG OP3    O N N 1   
2EG OP1    O N N 2   
2EG P      P N N 3   
2EG OP2    O N N 4   
2EG "O5'"  O N N 5   
2EG "C5'"  C N N 6   
2EG "C4'"  C N R 7   
2EG "O4'"  O N N 8   
2EG "C3'"  C N S 9   
2EG "O3'"  O N N 10  
2EG "C2'"  C N N 11  
2EG "C1'"  C N R 12  
2EG N9     N Y N 13  
2EG C4     C Y N 14  
2EG N3     N N N 15  
2EG C8     C Y N 16  
2EG N7     N Y N 17  
2EG C5     C Y N 18  
2EG C6     C N N 19  
2EG O6     O N N 20  
2EG N1     N N N 21  
2EG C2     C N N 22  
2EG N2     N N N 23  
2EG C21    C N N 24  
2EG C22    C N N 25  
2EG "H5'"  H N N 26  
2EG "H5''" H N N 27  
2EG "H4'"  H N N 28  
2EG "H3'"  H N N 29  
2EG "H2'"  H N N 30  
2EG "H2''" H N N 31  
2EG "H1'"  H N N 32  
2EG H8     H N N 33  
2EG H1     H N N 34  
2EG H21    H N N 35  
2EG H211   H N N 36  
2EG H212   H N N 37  
2EG H221   H N N 38  
2EG H222   H N N 39  
2EG H223   H N N 40  
2EG HO1    H N N 41  
2EG HO2    H N N 42  
2EG HO3    H N N 43  
DA  OP3    O N N 44  
DA  P      P N N 45  
DA  OP1    O N N 46  
DA  OP2    O N N 47  
DA  "O5'"  O N N 48  
DA  "C5'"  C N N 49  
DA  "C4'"  C N R 50  
DA  "O4'"  O N N 51  
DA  "C3'"  C N S 52  
DA  "O3'"  O N N 53  
DA  "C2'"  C N N 54  
DA  "C1'"  C N R 55  
DA  N9     N Y N 56  
DA  C8     C Y N 57  
DA  N7     N Y N 58  
DA  C5     C Y N 59  
DA  C6     C Y N 60  
DA  N6     N N N 61  
DA  N1     N Y N 62  
DA  C2     C Y N 63  
DA  N3     N Y N 64  
DA  C4     C Y N 65  
DA  HOP3   H N N 66  
DA  HOP2   H N N 67  
DA  "H5'"  H N N 68  
DA  "H5''" H N N 69  
DA  "H4'"  H N N 70  
DA  "H3'"  H N N 71  
DA  "HO3'" H N N 72  
DA  "H2'"  H N N 73  
DA  "H2''" H N N 74  
DA  "H1'"  H N N 75  
DA  H8     H N N 76  
DA  H61    H N N 77  
DA  H62    H N N 78  
DA  H2     H N N 79  
DC  OP3    O N N 80  
DC  P      P N N 81  
DC  OP1    O N N 82  
DC  OP2    O N N 83  
DC  "O5'"  O N N 84  
DC  "C5'"  C N N 85  
DC  "C4'"  C N R 86  
DC  "O4'"  O N N 87  
DC  "C3'"  C N S 88  
DC  "O3'"  O N N 89  
DC  "C2'"  C N N 90  
DC  "C1'"  C N R 91  
DC  N1     N N N 92  
DC  C2     C N N 93  
DC  O2     O N N 94  
DC  N3     N N N 95  
DC  C4     C N N 96  
DC  N4     N N N 97  
DC  C5     C N N 98  
DC  C6     C N N 99  
DC  HOP3   H N N 100 
DC  HOP2   H N N 101 
DC  "H5'"  H N N 102 
DC  "H5''" H N N 103 
DC  "H4'"  H N N 104 
DC  "H3'"  H N N 105 
DC  "HO3'" H N N 106 
DC  "H2'"  H N N 107 
DC  "H2''" H N N 108 
DC  "H1'"  H N N 109 
DC  H41    H N N 110 
DC  H42    H N N 111 
DC  H5     H N N 112 
DC  H6     H N N 113 
DG  OP3    O N N 114 
DG  P      P N N 115 
DG  OP1    O N N 116 
DG  OP2    O N N 117 
DG  "O5'"  O N N 118 
DG  "C5'"  C N N 119 
DG  "C4'"  C N R 120 
DG  "O4'"  O N N 121 
DG  "C3'"  C N S 122 
DG  "O3'"  O N N 123 
DG  "C2'"  C N N 124 
DG  "C1'"  C N R 125 
DG  N9     N Y N 126 
DG  C8     C Y N 127 
DG  N7     N Y N 128 
DG  C5     C Y N 129 
DG  C6     C N N 130 
DG  O6     O N N 131 
DG  N1     N N N 132 
DG  C2     C N N 133 
DG  N2     N N N 134 
DG  N3     N N N 135 
DG  C4     C Y N 136 
DG  HOP3   H N N 137 
DG  HOP2   H N N 138 
DG  "H5'"  H N N 139 
DG  "H5''" H N N 140 
DG  "H4'"  H N N 141 
DG  "H3'"  H N N 142 
DG  "HO3'" H N N 143 
DG  "H2'"  H N N 144 
DG  "H2''" H N N 145 
DG  "H1'"  H N N 146 
DG  H8     H N N 147 
DG  H1     H N N 148 
DG  H21    H N N 149 
DG  H22    H N N 150 
DT  OP3    O N N 151 
DT  P      P N N 152 
DT  OP1    O N N 153 
DT  OP2    O N N 154 
DT  "O5'"  O N N 155 
DT  "C5'"  C N N 156 
DT  "C4'"  C N R 157 
DT  "O4'"  O N N 158 
DT  "C3'"  C N S 159 
DT  "O3'"  O N N 160 
DT  "C2'"  C N N 161 
DT  "C1'"  C N R 162 
DT  N1     N N N 163 
DT  C2     C N N 164 
DT  O2     O N N 165 
DT  N3     N N N 166 
DT  C4     C N N 167 
DT  O4     O N N 168 
DT  C5     C N N 169 
DT  C7     C N N 170 
DT  C6     C N N 171 
DT  HOP3   H N N 172 
DT  HOP2   H N N 173 
DT  "H5'"  H N N 174 
DT  "H5''" H N N 175 
DT  "H4'"  H N N 176 
DT  "H3'"  H N N 177 
DT  "HO3'" H N N 178 
DT  "H2'"  H N N 179 
DT  "H2''" H N N 180 
DT  "H1'"  H N N 181 
DT  H3     H N N 182 
DT  H71    H N N 183 
DT  H72    H N N 184 
DT  H73    H N N 185 
DT  H6     H N N 186 
# 
loop_
_chem_comp_bond.comp_id 
_chem_comp_bond.atom_id_1 
_chem_comp_bond.atom_id_2 
_chem_comp_bond.value_order 
_chem_comp_bond.pdbx_aromatic_flag 
_chem_comp_bond.pdbx_stereo_config 
_chem_comp_bond.pdbx_ordinal 
2EG OP3   P      doub N N 1   
2EG OP1   P      sing N N 2   
2EG P     OP2    sing N N 3   
2EG P     "O5'"  sing N N 4   
2EG "O5'" "C5'"  sing N N 5   
2EG "C5'" "C4'"  sing N N 6   
2EG "C5'" "H5'"  sing N N 7   
2EG "C5'" "H5''" sing N N 8   
2EG "C4'" "O4'"  sing N N 9   
2EG "C4'" "C3'"  sing N N 10  
2EG "C4'" "H4'"  sing N N 11  
2EG "O4'" "C1'"  sing N N 12  
2EG "C3'" "O3'"  sing N N 13  
2EG "C3'" "C2'"  sing N N 14  
2EG "C3'" "H3'"  sing N N 15  
2EG "C2'" "C1'"  sing N N 16  
2EG "C2'" "H2'"  sing N N 17  
2EG "C2'" "H2''" sing N N 18  
2EG "C1'" N9     sing N N 19  
2EG "C1'" "H1'"  sing N N 20  
2EG N9    C4     sing Y N 21  
2EG N9    C8     sing Y N 22  
2EG C4    N3     sing N N 23  
2EG C4    C5     doub Y N 24  
2EG N3    C2     doub N N 25  
2EG C8    N7     doub Y N 26  
2EG C8    H8     sing N N 27  
2EG N7    C5     sing Y N 28  
2EG C5    C6     sing N N 29  
2EG C6    O6     doub N N 30  
2EG C6    N1     sing N N 31  
2EG N1    C2     sing N N 32  
2EG N1    H1     sing N N 33  
2EG C2    N2     sing N N 34  
2EG N2    C21    sing N N 35  
2EG N2    H21    sing N N 36  
2EG C21   C22    sing N N 37  
2EG C21   H211   sing N N 38  
2EG C21   H212   sing N N 39  
2EG C22   H221   sing N N 40  
2EG C22   H222   sing N N 41  
2EG C22   H223   sing N N 42  
2EG HO1   "O3'"  sing N N 43  
2EG HO2   OP2    sing N N 44  
2EG HO3   OP1    sing N N 45  
DA  OP3   P      sing N N 46  
DA  OP3   HOP3   sing N N 47  
DA  P     OP1    doub N N 48  
DA  P     OP2    sing N N 49  
DA  P     "O5'"  sing N N 50  
DA  OP2   HOP2   sing N N 51  
DA  "O5'" "C5'"  sing N N 52  
DA  "C5'" "C4'"  sing N N 53  
DA  "C5'" "H5'"  sing N N 54  
DA  "C5'" "H5''" sing N N 55  
DA  "C4'" "O4'"  sing N N 56  
DA  "C4'" "C3'"  sing N N 57  
DA  "C4'" "H4'"  sing N N 58  
DA  "O4'" "C1'"  sing N N 59  
DA  "C3'" "O3'"  sing N N 60  
DA  "C3'" "C2'"  sing N N 61  
DA  "C3'" "H3'"  sing N N 62  
DA  "O3'" "HO3'" sing N N 63  
DA  "C2'" "C1'"  sing N N 64  
DA  "C2'" "H2'"  sing N N 65  
DA  "C2'" "H2''" sing N N 66  
DA  "C1'" N9     sing N N 67  
DA  "C1'" "H1'"  sing N N 68  
DA  N9    C8     sing Y N 69  
DA  N9    C4     sing Y N 70  
DA  C8    N7     doub Y N 71  
DA  C8    H8     sing N N 72  
DA  N7    C5     sing Y N 73  
DA  C5    C6     sing Y N 74  
DA  C5    C4     doub Y N 75  
DA  C6    N6     sing N N 76  
DA  C6    N1     doub Y N 77  
DA  N6    H61    sing N N 78  
DA  N6    H62    sing N N 79  
DA  N1    C2     sing Y N 80  
DA  C2    N3     doub Y N 81  
DA  C2    H2     sing N N 82  
DA  N3    C4     sing Y N 83  
DC  OP3   P      sing N N 84  
DC  OP3   HOP3   sing N N 85  
DC  P     OP1    doub N N 86  
DC  P     OP2    sing N N 87  
DC  P     "O5'"  sing N N 88  
DC  OP2   HOP2   sing N N 89  
DC  "O5'" "C5'"  sing N N 90  
DC  "C5'" "C4'"  sing N N 91  
DC  "C5'" "H5'"  sing N N 92  
DC  "C5'" "H5''" sing N N 93  
DC  "C4'" "O4'"  sing N N 94  
DC  "C4'" "C3'"  sing N N 95  
DC  "C4'" "H4'"  sing N N 96  
DC  "O4'" "C1'"  sing N N 97  
DC  "C3'" "O3'"  sing N N 98  
DC  "C3'" "C2'"  sing N N 99  
DC  "C3'" "H3'"  sing N N 100 
DC  "O3'" "HO3'" sing N N 101 
DC  "C2'" "C1'"  sing N N 102 
DC  "C2'" "H2'"  sing N N 103 
DC  "C2'" "H2''" sing N N 104 
DC  "C1'" N1     sing N N 105 
DC  "C1'" "H1'"  sing N N 106 
DC  N1    C2     sing N N 107 
DC  N1    C6     sing N N 108 
DC  C2    O2     doub N N 109 
DC  C2    N3     sing N N 110 
DC  N3    C4     doub N N 111 
DC  C4    N4     sing N N 112 
DC  C4    C5     sing N N 113 
DC  N4    H41    sing N N 114 
DC  N4    H42    sing N N 115 
DC  C5    C6     doub N N 116 
DC  C5    H5     sing N N 117 
DC  C6    H6     sing N N 118 
DG  OP3   P      sing N N 119 
DG  OP3   HOP3   sing N N 120 
DG  P     OP1    doub N N 121 
DG  P     OP2    sing N N 122 
DG  P     "O5'"  sing N N 123 
DG  OP2   HOP2   sing N N 124 
DG  "O5'" "C5'"  sing N N 125 
DG  "C5'" "C4'"  sing N N 126 
DG  "C5'" "H5'"  sing N N 127 
DG  "C5'" "H5''" sing N N 128 
DG  "C4'" "O4'"  sing N N 129 
DG  "C4'" "C3'"  sing N N 130 
DG  "C4'" "H4'"  sing N N 131 
DG  "O4'" "C1'"  sing N N 132 
DG  "C3'" "O3'"  sing N N 133 
DG  "C3'" "C2'"  sing N N 134 
DG  "C3'" "H3'"  sing N N 135 
DG  "O3'" "HO3'" sing N N 136 
DG  "C2'" "C1'"  sing N N 137 
DG  "C2'" "H2'"  sing N N 138 
DG  "C2'" "H2''" sing N N 139 
DG  "C1'" N9     sing N N 140 
DG  "C1'" "H1'"  sing N N 141 
DG  N9    C8     sing Y N 142 
DG  N9    C4     sing Y N 143 
DG  C8    N7     doub Y N 144 
DG  C8    H8     sing N N 145 
DG  N7    C5     sing Y N 146 
DG  C5    C6     sing N N 147 
DG  C5    C4     doub Y N 148 
DG  C6    O6     doub N N 149 
DG  C6    N1     sing N N 150 
DG  N1    C2     sing N N 151 
DG  N1    H1     sing N N 152 
DG  C2    N2     sing N N 153 
DG  C2    N3     doub N N 154 
DG  N2    H21    sing N N 155 
DG  N2    H22    sing N N 156 
DG  N3    C4     sing N N 157 
DT  OP3   P      sing N N 158 
DT  OP3   HOP3   sing N N 159 
DT  P     OP1    doub N N 160 
DT  P     OP2    sing N N 161 
DT  P     "O5'"  sing N N 162 
DT  OP2   HOP2   sing N N 163 
DT  "O5'" "C5'"  sing N N 164 
DT  "C5'" "C4'"  sing N N 165 
DT  "C5'" "H5'"  sing N N 166 
DT  "C5'" "H5''" sing N N 167 
DT  "C4'" "O4'"  sing N N 168 
DT  "C4'" "C3'"  sing N N 169 
DT  "C4'" "H4'"  sing N N 170 
DT  "O4'" "C1'"  sing N N 171 
DT  "C3'" "O3'"  sing N N 172 
DT  "C3'" "C2'"  sing N N 173 
DT  "C3'" "H3'"  sing N N 174 
DT  "O3'" "HO3'" sing N N 175 
DT  "C2'" "C1'"  sing N N 176 
DT  "C2'" "H2'"  sing N N 177 
DT  "C2'" "H2''" sing N N 178 
DT  "C1'" N1     sing N N 179 
DT  "C1'" "H1'"  sing N N 180 
DT  N1    C2     sing N N 181 
DT  N1    C6     sing N N 182 
DT  C2    O2     doub N N 183 
DT  C2    N3     sing N N 184 
DT  N3    C4     sing N N 185 
DT  N3    H3     sing N N 186 
DT  C4    O4     doub N N 187 
DT  C4    C5     sing N N 188 
DT  C5    C7     sing N N 189 
DT  C5    C6     doub N N 190 
DT  C7    H71    sing N N 191 
DT  C7    H72    sing N N 192 
DT  C7    H73    sing N N 193 
DT  C6    H6     sing N N 194 
# 
loop_
_ndb_struct_conf_na.entry_id 
_ndb_struct_conf_na.feature 
2HMR 'double helix'        
2HMR 'b-form double helix' 
# 
loop_
_ndb_struct_na_base_pair.model_number 
_ndb_struct_na_base_pair.i_label_asym_id 
_ndb_struct_na_base_pair.i_label_comp_id 
_ndb_struct_na_base_pair.i_label_seq_id 
_ndb_struct_na_base_pair.i_symmetry 
_ndb_struct_na_base_pair.j_label_asym_id 
_ndb_struct_na_base_pair.j_label_comp_id 
_ndb_struct_na_base_pair.j_label_seq_id 
_ndb_struct_na_base_pair.j_symmetry 
_ndb_struct_na_base_pair.shear 
_ndb_struct_na_base_pair.stretch 
_ndb_struct_na_base_pair.stagger 
_ndb_struct_na_base_pair.buckle 
_ndb_struct_na_base_pair.propeller 
_ndb_struct_na_base_pair.opening 
_ndb_struct_na_base_pair.pair_number 
_ndb_struct_na_base_pair.pair_name 
_ndb_struct_na_base_pair.i_auth_asym_id 
_ndb_struct_na_base_pair.i_auth_seq_id 
_ndb_struct_na_base_pair.i_PDB_ins_code 
_ndb_struct_na_base_pair.j_auth_asym_id 
_ndb_struct_na_base_pair.j_auth_seq_id 
_ndb_struct_na_base_pair.j_PDB_ins_code 
_ndb_struct_na_base_pair.hbond_type_28 
_ndb_struct_na_base_pair.hbond_type_12 
1 A DG  1  1_555 B DC  12 1_555 -0.459 -0.186 0.511  10.537  8.003   0.607  1  A_DG1:DC24_B  A 1  ? B 24 ? 19 1 
1 A DC  2  1_555 B DG  11 1_555 0.367  -0.078 0.186  2.941   -3.453  -0.695 2  A_DC2:DG23_B  A 2  ? B 23 ? 19 1 
1 A DT  3  1_555 B DA  10 1_555 0.127  -0.069 -0.123 3.430   -7.838  -2.557 3  A_DT3:DA22_B  A 3  ? B 22 ? 20 1 
1 A DA  4  1_555 B DT  9  1_555 -0.145 -0.067 -0.116 -8.271  -17.787 -0.759 4  A_DA4:DT21_B  A 4  ? B 21 ? 20 1 
1 A DG  5  1_555 B DC  8  1_555 -0.394 -0.145 0.182  -5.488  -8.270  -1.449 5  A_DG5:DC20_B  A 5  ? B 20 ? 19 1 
1 A DC  6  1_555 B 2EG 7  1_555 0.839  -0.175 0.395  -10.536 0.923   1.314  6  A_DC6:2EG19_B A 6  ? B 19 ? 19 1 
1 A 2EG 7  1_555 B DC  6  1_555 -0.390 -0.116 0.199  12.751  -3.372  -2.904 7  A_2EG7:DC18_B A 7  ? B 18 ? 19 1 
1 A DA  8  1_555 B DT  5  1_555 0.211  0.032  -0.262 2.519   -21.888 -3.477 8  A_DA8:DT17_B  A 8  ? B 17 ? 20 1 
1 A DG  9  1_555 B DC  4  1_555 -0.499 -0.128 0.396  -0.287  -13.595 -3.146 9  A_DG9:DC16_B  A 9  ? B 16 ? 19 1 
1 A DT  10 1_555 B DA  3  1_555 -0.216 -0.025 0.212  -12.244 -11.896 -5.843 10 A_DT10:DA15_B A 10 ? B 15 ? 20 1 
1 A DC  11 1_555 B DG  2  1_555 0.320  -0.075 0.077  -10.762 -9.373  -0.543 11 A_DC11:DG14_B A 11 ? B 14 ? 19 1 
1 A DC  12 1_555 B DG  1  1_555 0.716  -0.179 0.366  -13.684 1.750   1.415  12 A_DC12:DG13_B A 12 ? B 13 ? 19 1 
# 
loop_
_ndb_struct_na_base_pair_step.model_number 
_ndb_struct_na_base_pair_step.i_label_asym_id_1 
_ndb_struct_na_base_pair_step.i_label_comp_id_1 
_ndb_struct_na_base_pair_step.i_label_seq_id_1 
_ndb_struct_na_base_pair_step.i_symmetry_1 
_ndb_struct_na_base_pair_step.j_label_asym_id_1 
_ndb_struct_na_base_pair_step.j_label_comp_id_1 
_ndb_struct_na_base_pair_step.j_label_seq_id_1 
_ndb_struct_na_base_pair_step.j_symmetry_1 
_ndb_struct_na_base_pair_step.i_label_asym_id_2 
_ndb_struct_na_base_pair_step.i_label_comp_id_2 
_ndb_struct_na_base_pair_step.i_label_seq_id_2 
_ndb_struct_na_base_pair_step.i_symmetry_2 
_ndb_struct_na_base_pair_step.j_label_asym_id_2 
_ndb_struct_na_base_pair_step.j_label_comp_id_2 
_ndb_struct_na_base_pair_step.j_label_seq_id_2 
_ndb_struct_na_base_pair_step.j_symmetry_2 
_ndb_struct_na_base_pair_step.shift 
_ndb_struct_na_base_pair_step.slide 
_ndb_struct_na_base_pair_step.rise 
_ndb_struct_na_base_pair_step.tilt 
_ndb_struct_na_base_pair_step.roll 
_ndb_struct_na_base_pair_step.twist 
_ndb_struct_na_base_pair_step.x_displacement 
_ndb_struct_na_base_pair_step.y_displacement 
_ndb_struct_na_base_pair_step.helical_rise 
_ndb_struct_na_base_pair_step.inclination 
_ndb_struct_na_base_pair_step.tip 
_ndb_struct_na_base_pair_step.helical_twist 
_ndb_struct_na_base_pair_step.step_number 
_ndb_struct_na_base_pair_step.step_name 
_ndb_struct_na_base_pair_step.i_auth_asym_id_1 
_ndb_struct_na_base_pair_step.i_auth_seq_id_1 
_ndb_struct_na_base_pair_step.i_PDB_ins_code_1 
_ndb_struct_na_base_pair_step.j_auth_asym_id_1 
_ndb_struct_na_base_pair_step.j_auth_seq_id_1 
_ndb_struct_na_base_pair_step.j_PDB_ins_code_1 
_ndb_struct_na_base_pair_step.i_auth_asym_id_2 
_ndb_struct_na_base_pair_step.i_auth_seq_id_2 
_ndb_struct_na_base_pair_step.i_PDB_ins_code_2 
_ndb_struct_na_base_pair_step.j_auth_asym_id_2 
_ndb_struct_na_base_pair_step.j_auth_seq_id_2 
_ndb_struct_na_base_pair_step.j_PDB_ins_code_2 
1 A DG  1  1_555 B DC  12 1_555 A DC  2  1_555 B DG  11 1_555 -0.500 -1.201 3.571 2.188  4.776  32.882 -2.942 1.261  3.329 8.370  
-3.834 33.288 1  AA_DG1DC2:DG23DC24_BB   A 1  ? B 24 ? A 2  ? B 23 ? 
1 A DC  2  1_555 B DG  11 1_555 A DT  3  1_555 B DA  10 1_555 0.241  -0.496 3.261 3.828  -2.170 36.115 -0.490 0.150  3.292 -3.484 
-6.146 36.373 2  AA_DC2DT3:DA22DG23_BB   A 2  ? B 23 ? A 3  ? B 22 ? 
1 A DT  3  1_555 B DA  10 1_555 A DA  4  1_555 B DT  9  1_555 0.033  -1.063 3.326 1.071  15.245 32.124 -3.867 0.095  2.576 25.805 
-1.813 35.487 3  AA_DT3DA4:DT21DA22_BB   A 3  ? B 22 ? A 4  ? B 21 ? 
1 A DA  4  1_555 B DT  9  1_555 A DG  5  1_555 B DC  8  1_555 -0.453 -0.794 3.175 -3.437 0.002  30.474 -1.502 0.194  3.206 0.004  
6.513  30.663 4  AA_DA4DG5:DC20DT21_BB   A 4  ? B 21 ? A 5  ? B 20 ? 
1 A DG  5  1_555 B DC  8  1_555 A DC  6  1_555 B 2EG 7  1_555 0.301  -0.250 3.370 -1.815 1.448  44.073 -0.472 -0.576 3.346 1.928  
2.417  44.131 5  AA_DG5DC6:2EG19DC20_BB  A 5  ? B 20 ? A 6  ? B 19 ? 
1 A DC  6  1_555 B 2EG 7  1_555 A 2EG 7  1_555 B DC  6  1_555 -0.474 0.303  2.830 3.505  1.304  22.411 0.367  2.287  2.737 3.324  
-8.938 22.717 6  AA_DC62EG7:DC182EG19_BB A 6  ? B 19 ? A 7  ? B 18 ? 
1 A 2EG 7  1_555 B DC  6  1_555 A DA  8  1_555 B DT  5  1_555 -0.496 -0.116 3.607 0.820  8.248  37.077 -1.335 0.877  3.491 12.775 
-1.270 37.960 7  AA_2EG7DA8:DT17DC18_BB  A 7  ? B 18 ? A 8  ? B 17 ? 
1 A DA  8  1_555 B DT  5  1_555 A DG  9  1_555 B DC  4  1_555 0.254  -0.458 3.268 -6.878 3.614  32.517 -1.385 -1.563 3.084 6.342  
12.070 33.409 8  AA_DA8DG9:DC16DT17_BB   A 8  ? B 17 ? A 9  ? B 16 ? 
1 A DG  9  1_555 B DC  4  1_555 A DT  10 1_555 B DA  3  1_555 -0.236 -0.998 3.645 2.726  0.542  35.256 -1.732 0.835  3.602 0.893  
-4.493 35.361 9  AA_DG9DT10:DA15DC16_BB  A 9  ? B 16 ? A 10 ? B 15 ? 
1 A DT  10 1_555 B DA  3  1_555 A DC  11 1_555 B DG  2  1_555 0.589  0.059  3.179 2.349  2.937  38.583 -0.262 -0.607 3.203 4.433  
-3.544 38.759 10 AA_DT10DC11:DG14DA15_BB A 10 ? B 15 ? A 11 ? B 14 ? 
1 A DC  11 1_555 B DG  2  1_555 A DC  12 1_555 B DG  1  1_555 0.460  -1.110 3.362 -1.167 2.387  33.597 -2.309 -0.986 3.260 4.121  
2.015  33.699 11 AA_DC11DC12:DG13DG14_BB A 11 ? B 14 ? A 12 ? B 13 ? 
# 
loop_
_pdbx_nmr_spectrometer.spectrometer_id 
_pdbx_nmr_spectrometer.model 
_pdbx_nmr_spectrometer.manufacturer 
_pdbx_nmr_spectrometer.field_strength 
_pdbx_nmr_spectrometer.type 
1 AVANCE Bruker 800 ? 
2 AVANCE Bruker 600 ? 
3 AVANCE Bruker 500 ? 
# 
_atom_sites.entry_id                    2HMR 
_atom_sites.fract_transf_matrix[1][1]   1.000000 
_atom_sites.fract_transf_matrix[1][2]   0.000000 
_atom_sites.fract_transf_matrix[1][3]   0.000000 
_atom_sites.fract_transf_matrix[2][1]   0.000000 
_atom_sites.fract_transf_matrix[2][2]   1.000000 
_atom_sites.fract_transf_matrix[2][3]   0.000000 
_atom_sites.fract_transf_matrix[3][1]   0.000000 
_atom_sites.fract_transf_matrix[3][2]   0.000000 
_atom_sites.fract_transf_matrix[3][3]   1.000000 
_atom_sites.fract_transf_vector[1]      0.00000 
_atom_sites.fract_transf_vector[2]      0.00000 
_atom_sites.fract_transf_vector[3]      0.00000 
# 
loop_
_atom_type.symbol 
C 
H 
N 
O 
P 
# 
loop_
_atom_site.group_PDB 
_atom_site.id 
_atom_site.type_symbol 
_atom_site.label_atom_id 
_atom_site.label_alt_id 
_atom_site.label_comp_id 
_atom_site.label_asym_id 
_atom_site.label_entity_id 
_atom_site.label_seq_id 
_atom_site.pdbx_PDB_ins_code 
_atom_site.Cartn_x 
_atom_site.Cartn_y 
_atom_site.Cartn_z 
_atom_site.occupancy 
_atom_site.B_iso_or_equiv 
_atom_site.pdbx_formal_charge 
_atom_site.auth_seq_id 
_atom_site.auth_comp_id 
_atom_site.auth_asym_id 
_atom_site.auth_atom_id 
_atom_site.pdbx_PDB_model_num 
ATOM   1   O "O5'"  . DG  A 1 1  ? -8.847  -18.356 -0.327  1.00 0.00 ? 1  DG  A "O5'"  1 
ATOM   2   C "C5'"  . DG  A 1 1  ? -8.072  -19.522 -0.064  1.00 0.00 ? 1  DG  A "C5'"  1 
ATOM   3   C "C4'"  . DG  A 1 1  ? -6.558  -19.268 -0.139  1.00 0.00 ? 1  DG  A "C4'"  1 
ATOM   4   O "O4'"  . DG  A 1 1  ? -6.207  -18.938 -1.475  1.00 0.00 ? 1  DG  A "O4'"  1 
ATOM   5   C "C3'"  . DG  A 1 1  ? -6.065  -18.151 0.787   1.00 0.00 ? 1  DG  A "C3'"  1 
ATOM   6   O "O3'"  . DG  A 1 1  ? -4.865  -18.595 1.390   1.00 0.00 ? 1  DG  A "O3'"  1 
ATOM   7   C "C2'"  . DG  A 1 1  ? -5.874  -16.988 -0.179  1.00 0.00 ? 1  DG  A "C2'"  1 
ATOM   8   C "C1'"  . DG  A 1 1  ? -5.499  -17.709 -1.472  1.00 0.00 ? 1  DG  A "C1'"  1 
ATOM   9   N N9     . DG  A 1 1  ? -5.869  -16.943 -2.682  1.00 0.00 ? 1  DG  A N9     1 
ATOM   10  C C8     . DG  A 1 1  ? -7.050  -16.304 -2.971  1.00 0.00 ? 1  DG  A C8     1 
ATOM   11  N N7     . DG  A 1 1  ? -7.088  -15.741 -4.149  1.00 0.00 ? 1  DG  A N7     1 
ATOM   12  C C5     . DG  A 1 1  ? -5.831  -16.045 -4.695  1.00 0.00 ? 1  DG  A C5     1 
ATOM   13  C C6     . DG  A 1 1  ? -5.245  -15.768 -5.981  1.00 0.00 ? 1  DG  A C6     1 
ATOM   14  O O6     . DG  A 1 1  ? -5.730  -15.202 -6.960  1.00 0.00 ? 1  DG  A O6     1 
ATOM   15  N N1     . DG  A 1 1  ? -3.957  -16.243 -6.109  1.00 0.00 ? 1  DG  A N1     1 
ATOM   16  C C2     . DG  A 1 1  ? -3.293  -16.902 -5.133  1.00 0.00 ? 1  DG  A C2     1 
ATOM   17  N N2     . DG  A 1 1  ? -2.051  -17.227 -5.359  1.00 0.00 ? 1  DG  A N2     1 
ATOM   18  N N3     . DG  A 1 1  ? -3.802  -17.221 -3.951  1.00 0.00 ? 1  DG  A N3     1 
ATOM   19  C C4     . DG  A 1 1  ? -5.079  -16.764 -3.789  1.00 0.00 ? 1  DG  A C4     1 
ATOM   20  H "H5'"  . DG  A 1 1  ? -8.321  -20.297 -0.790  1.00 0.00 ? 1  DG  A "H5'"  1 
ATOM   21  H "H5''" . DG  A 1 1  ? -8.307  -19.894 0.936   1.00 0.00 ? 1  DG  A "H5''" 1 
ATOM   22  H "H4'"  . DG  A 1 1  ? -6.041  -20.188 0.139   1.00 0.00 ? 1  DG  A "H4'"  1 
ATOM   23  H "H3'"  . DG  A 1 1  ? -6.800  -17.903 1.554   1.00 0.00 ? 1  DG  A "H3'"  1 
ATOM   24  H "H2'"  . DG  A 1 1  ? -6.818  -16.456 -0.274  1.00 0.00 ? 1  DG  A "H2'"  1 
ATOM   25  H "H2''" . DG  A 1 1  ? -5.093  -16.301 0.139   1.00 0.00 ? 1  DG  A "H2''" 1 
ATOM   26  H "H1'"  . DG  A 1 1  ? -4.421  -17.902 -1.466  1.00 0.00 ? 1  DG  A "H1'"  1 
ATOM   27  H H8     . DG  A 1 1  ? -7.883  -16.297 -2.281  1.00 0.00 ? 1  DG  A H8     1 
ATOM   28  H H1     . DG  A 1 1  ? -3.485  -16.050 -6.977  1.00 0.00 ? 1  DG  A H1     1 
ATOM   29  H H21    . DG  A 1 1  ? -1.617  -17.020 -6.256  1.00 0.00 ? 1  DG  A H21    1 
ATOM   30  H H22    . DG  A 1 1  ? -1.539  -17.591 -4.578  1.00 0.00 ? 1  DG  A H22    1 
ATOM   31  H "HO5'" . DG  A 1 1  ? -9.773  -18.598 -0.401  1.00 0.00 ? 1  DG  A "HO5'" 1 
ATOM   32  P P      . DC  A 1 2  ? -4.014  -17.682 2.402   1.00 0.00 ? 2  DC  A P      1 
ATOM   33  O OP1    . DC  A 1 2  ? -3.399  -18.577 3.403   1.00 0.00 ? 2  DC  A OP1    1 
ATOM   34  O OP2    . DC  A 1 2  ? -4.864  -16.547 2.824   1.00 0.00 ? 2  DC  A OP2    1 
ATOM   35  O "O5'"  . DC  A 1 2  ? -2.878  -17.165 1.382   1.00 0.00 ? 2  DC  A "O5'"  1 
ATOM   36  C "C5'"  . DC  A 1 2  ? -1.967  -18.097 0.813   1.00 0.00 ? 2  DC  A "C5'"  1 
ATOM   37  C "C4'"  . DC  A 1 2  ? -0.890  -17.473 -0.080  1.00 0.00 ? 2  DC  A "C4'"  1 
ATOM   38  O "O4'"  . DC  A 1 2  ? -1.451  -16.923 -1.269  1.00 0.00 ? 2  DC  A "O4'"  1 
ATOM   39  C "C3'"  . DC  A 1 2  ? -0.081  -16.376 0.615   1.00 0.00 ? 2  DC  A "C3'"  1 
ATOM   40  O "O3'"  . DC  A 1 2  ? 1.286   -16.600 0.315   1.00 0.00 ? 2  DC  A "O3'"  1 
ATOM   41  C "C2'"  . DC  A 1 2  ? -0.593  -15.117 -0.070  1.00 0.00 ? 2  DC  A "C2'"  1 
ATOM   42  C "C1'"  . DC  A 1 2  ? -0.889  -15.636 -1.480  1.00 0.00 ? 2  DC  A "C1'"  1 
ATOM   43  N N1     . DC  A 1 2  ? -1.860  -14.806 -2.246  1.00 0.00 ? 2  DC  A N1     1 
ATOM   44  C C2     . DC  A 1 2  ? -1.523  -14.326 -3.520  1.00 0.00 ? 2  DC  A C2     1 
ATOM   45  O O2     . DC  A 1 2  ? -0.411  -14.501 -4.014  1.00 0.00 ? 2  DC  A O2     1 
ATOM   46  N N3     . DC  A 1 2  ? -2.432  -13.650 -4.266  1.00 0.00 ? 2  DC  A N3     1 
ATOM   47  C C4     . DC  A 1 2  ? -3.622  -13.428 -3.760  1.00 0.00 ? 2  DC  A C4     1 
ATOM   48  N N4     . DC  A 1 2  ? -4.452  -12.803 -4.541  1.00 0.00 ? 2  DC  A N4     1 
ATOM   49  C C5     . DC  A 1 2  ? -4.022  -13.867 -2.469  1.00 0.00 ? 2  DC  A C5     1 
ATOM   50  C C6     . DC  A 1 2  ? -3.115  -14.568 -1.740  1.00 0.00 ? 2  DC  A C6     1 
ATOM   51  H "H5'"  . DC  A 1 2  ? -2.525  -18.825 0.223   1.00 0.00 ? 2  DC  A "H5'"  1 
ATOM   52  H "H5''" . DC  A 1 2  ? -1.469  -18.627 1.625   1.00 0.00 ? 2  DC  A "H5''" 1 
ATOM   53  H "H4'"  . DC  A 1 2  ? -0.195  -18.266 -0.357  1.00 0.00 ? 2  DC  A "H4'"  1 
ATOM   54  H "H3'"  . DC  A 1 2  ? -0.259  -16.363 1.697   1.00 0.00 ? 2  DC  A "H3'"  1 
ATOM   55  H "H2'"  . DC  A 1 2  ? -1.491  -14.781 0.446   1.00 0.00 ? 2  DC  A "H2'"  1 
ATOM   56  H "H2''" . DC  A 1 2  ? 0.166   -14.342 -0.065  1.00 0.00 ? 2  DC  A "H2''" 1 
ATOM   57  H "H1'"  . DC  A 1 2  ? 0.064   -15.724 -2.019  1.00 0.00 ? 2  DC  A "H1'"  1 
ATOM   58  H H41    . DC  A 1 2  ? -4.105  -12.525 -5.456  1.00 0.00 ? 2  DC  A H41    1 
ATOM   59  H H42    . DC  A 1 2  ? -5.368  -12.575 -4.229  1.00 0.00 ? 2  DC  A H42    1 
ATOM   60  H H5     . DC  A 1 2  ? -5.012  -13.688 -2.077  1.00 0.00 ? 2  DC  A H5     1 
ATOM   61  H H6     . DC  A 1 2  ? -3.367  -14.970 -0.764  1.00 0.00 ? 2  DC  A H6     1 
ATOM   62  P P      . DT  A 1 3  ? 2.459   -15.797 1.054   1.00 0.00 ? 3  DT  A P      1 
ATOM   63  O OP1    . DT  A 1 3  ? 3.556   -16.754 1.296   1.00 0.00 ? 3  DT  A OP1    1 
ATOM   64  O OP2    . DT  A 1 3  ? 1.894   -14.999 2.160   1.00 0.00 ? 3  DT  A OP2    1 
ATOM   65  O "O5'"  . DT  A 1 3  ? 2.920   -14.787 -0.088  1.00 0.00 ? 3  DT  A "O5'"  1 
ATOM   66  C "C5'"  . DT  A 1 3  ? 3.732   -15.251 -1.146  1.00 0.00 ? 3  DT  A "C5'"  1 
ATOM   67  C "C4'"  . DT  A 1 3  ? 4.056   -14.146 -2.152  1.00 0.00 ? 3  DT  A "C4'"  1 
ATOM   68  O "O4'"  . DT  A 1 3  ? 2.847   -13.738 -2.782  1.00 0.00 ? 3  DT  A "O4'"  1 
ATOM   69  C "C3'"  . DT  A 1 3  ? 4.733   -12.916 -1.527  1.00 0.00 ? 3  DT  A "C3'"  1 
ATOM   70  O "O3'"  . DT  A 1 3  ? 5.837   -12.565 -2.338  1.00 0.00 ? 3  DT  A "O3'"  1 
ATOM   71  C "C2'"  . DT  A 1 3  ? 3.622   -11.877 -1.561  1.00 0.00 ? 3  DT  A "C2'"  1 
ATOM   72  C "C1'"  . DT  A 1 3  ? 2.802   -12.323 -2.777  1.00 0.00 ? 3  DT  A "C1'"  1 
ATOM   73  N N1     . DT  A 1 3  ? 1.386   -11.866 -2.749  1.00 0.00 ? 3  DT  A N1     1 
ATOM   74  C C2     . DT  A 1 3  ? 0.858   -11.300 -3.914  1.00 0.00 ? 3  DT  A C2     1 
ATOM   75  O O2     . DT  A 1 3  ? 1.467   -11.224 -4.974  1.00 0.00 ? 3  DT  A O2     1 
ATOM   76  N N3     . DT  A 1 3  ? -0.421  -10.810 -3.841  1.00 0.00 ? 3  DT  A N3     1 
ATOM   77  C C4     . DT  A 1 3  ? -1.226  -10.819 -2.725  1.00 0.00 ? 3  DT  A C4     1 
ATOM   78  O O4     . DT  A 1 3  ? -2.341  -10.306 -2.781  1.00 0.00 ? 3  DT  A O4     1 
ATOM   79  C C5     . DT  A 1 3  ? -0.641  -11.468 -1.555  1.00 0.00 ? 3  DT  A C5     1 
ATOM   80  C C7     . DT  A 1 3  ? -1.444  -11.572 -0.270  1.00 0.00 ? 3  DT  A C7     1 
ATOM   81  C C6     . DT  A 1 3  ? 0.620   -11.970 -1.603  1.00 0.00 ? 3  DT  A C6     1 
ATOM   82  H "H5'"  . DT  A 1 3  ? 3.209   -16.059 -1.657  1.00 0.00 ? 3  DT  A "H5'"  1 
ATOM   83  H "H5''" . DT  A 1 3  ? 4.666   -15.650 -0.743  1.00 0.00 ? 3  DT  A "H5''" 1 
ATOM   84  H "H4'"  . DT  A 1 3  ? 4.724   -14.560 -2.904  1.00 0.00 ? 3  DT  A "H4'"  1 
ATOM   85  H "H3'"  . DT  A 1 3  ? 5.060   -13.108 -0.502  1.00 0.00 ? 3  DT  A "H3'"  1 
ATOM   86  H "H2'"  . DT  A 1 3  ? 3.064   -11.952 -0.632  1.00 0.00 ? 3  DT  A "H2'"  1 
ATOM   87  H "H2''" . DT  A 1 3  ? 3.996   -10.863 -1.684  1.00 0.00 ? 3  DT  A "H2''" 1 
ATOM   88  H "H1'"  . DT  A 1 3  ? 3.307   -11.951 -3.677  1.00 0.00 ? 3  DT  A "H1'"  1 
ATOM   89  H H3     . DT  A 1 3  ? -0.755  -10.351 -4.677  1.00 0.00 ? 3  DT  A H3     1 
ATOM   90  H H71    . DT  A 1 3  ? -2.371  -12.109 -0.464  1.00 0.00 ? 3  DT  A H71    1 
ATOM   91  H H72    . DT  A 1 3  ? -0.877  -12.086 0.508   1.00 0.00 ? 3  DT  A H72    1 
ATOM   92  H H73    . DT  A 1 3  ? -1.696  -10.568 0.070   1.00 0.00 ? 3  DT  A H73    1 
ATOM   93  H H6     . DT  A 1 3  ? 1.044   -12.461 -0.737  1.00 0.00 ? 3  DT  A H6     1 
ATOM   94  P P      . DA  A 1 4  ? 6.772   -11.294 -2.032  1.00 0.00 ? 4  DA  A P      1 
ATOM   95  O OP1    . DA  A 1 4  ? 8.141   -11.635 -2.464  1.00 0.00 ? 4  DA  A OP1    1 
ATOM   96  O OP2    . DA  A 1 4  ? 6.503   -10.801 -0.666  1.00 0.00 ? 4  DA  A OP2    1 
ATOM   97  O "O5'"  . DA  A 1 4  ? 6.145   -10.272 -3.082  1.00 0.00 ? 4  DA  A "O5'"  1 
ATOM   98  C "C5'"  . DA  A 1 4  ? 6.273   -10.520 -4.472  1.00 0.00 ? 4  DA  A "C5'"  1 
ATOM   99  C "C4'"  . DA  A 1 4  ? 5.727   -9.363  -5.306  1.00 0.00 ? 4  DA  A "C4'"  1 
ATOM   100 O "O4'"  . DA  A 1 4  ? 4.317   -9.278  -5.166  1.00 0.00 ? 4  DA  A "O4'"  1 
ATOM   101 C "C3'"  . DA  A 1 4  ? 6.341   -8.018  -4.901  1.00 0.00 ? 4  DA  A "C3'"  1 
ATOM   102 O "O3'"  . DA  A 1 4  ? 6.807   -7.381  -6.079  1.00 0.00 ? 4  DA  A "O3'"  1 
ATOM   103 C "C2'"  . DA  A 1 4  ? 5.161   -7.312  -4.238  1.00 0.00 ? 4  DA  A "C2'"  1 
ATOM   104 C "C1'"  . DA  A 1 4  ? 3.975   -7.919  -4.981  1.00 0.00 ? 4  DA  A "C1'"  1 
ATOM   105 N N9     . DA  A 1 4  ? 2.711   -7.855  -4.219  1.00 0.00 ? 4  DA  A N9     1 
ATOM   106 C C8     . DA  A 1 4  ? 2.435   -8.366  -2.972  1.00 0.00 ? 4  DA  A C8     1 
ATOM   107 N N7     . DA  A 1 4  ? 1.195   -8.211  -2.580  1.00 0.00 ? 4  DA  A N7     1 
ATOM   108 C C5     . DA  A 1 4  ? 0.626   -7.504  -3.656  1.00 0.00 ? 4  DA  A C5     1 
ATOM   109 C C6     . DA  A 1 4  ? -0.658  -6.990  -3.952  1.00 0.00 ? 4  DA  A C6     1 
ATOM   110 N N6     . DA  A 1 4  ? -1.718  -7.139  -3.186  1.00 0.00 ? 4  DA  A N6     1 
ATOM   111 N N1     . DA  A 1 4  ? -0.909  -6.337  -5.083  1.00 0.00 ? 4  DA  A N1     1 
ATOM   112 C C2     . DA  A 1 4  ? 0.085   -6.199  -5.951  1.00 0.00 ? 4  DA  A C2     1 
ATOM   113 N N3     . DA  A 1 4  ? 1.331   -6.643  -5.832  1.00 0.00 ? 4  DA  A N3     1 
ATOM   114 C C4     . DA  A 1 4  ? 1.539   -7.290  -4.652  1.00 0.00 ? 4  DA  A C4     1 
ATOM   115 H "H5'"  . DA  A 1 4  ? 5.740   -11.434 -4.733  1.00 0.00 ? 4  DA  A "H5'"  1 
ATOM   116 H "H5''" . DA  A 1 4  ? 7.330   -10.651 -4.711  1.00 0.00 ? 4  DA  A "H5''" 1 
ATOM   117 H "H4'"  . DA  A 1 4  ? 5.966   -9.551  -6.353  1.00 0.00 ? 4  DA  A "H4'"  1 
ATOM   118 H "H3'"  . DA  A 1 4  ? 7.163   -8.149  -4.192  1.00 0.00 ? 4  DA  A "H3'"  1 
ATOM   119 H "H2'"  . DA  A 1 4  ? 5.138   -7.587  -3.184  1.00 0.00 ? 4  DA  A "H2'"  1 
ATOM   120 H "H2''" . DA  A 1 4  ? 5.209   -6.231  -4.350  1.00 0.00 ? 4  DA  A "H2''" 1 
ATOM   121 H "H1'"  . DA  A 1 4  ? 3.862   -7.422  -5.950  1.00 0.00 ? 4  DA  A "H1'"  1 
ATOM   122 H H8     . DA  A 1 4  ? 3.188   -8.873  -2.384  1.00 0.00 ? 4  DA  A H8     1 
ATOM   123 H H61    . DA  A 1 4  ? -2.624  -6.852  -3.532  1.00 0.00 ? 4  DA  A H61    1 
ATOM   124 H H62    . DA  A 1 4  ? -1.613  -7.667  -2.340  1.00 0.00 ? 4  DA  A H62    1 
ATOM   125 H H2     . DA  A 1 4  ? -0.148  -5.666  -6.865  1.00 0.00 ? 4  DA  A H2     1 
ATOM   126 P P      . DG  A 1 5  ? 7.605   -5.991  -6.039  1.00 0.00 ? 5  DG  A P      1 
ATOM   127 O OP1    . DG  A 1 5  ? 8.572   -5.976  -7.155  1.00 0.00 ? 5  DG  A OP1    1 
ATOM   128 O OP2    . DG  A 1 5  ? 8.067   -5.741  -4.658  1.00 0.00 ? 5  DG  A OP2    1 
ATOM   129 O "O5'"  . DG  A 1 5  ? 6.427   -4.961  -6.376  1.00 0.00 ? 5  DG  A "O5'"  1 
ATOM   130 C "C5'"  . DG  A 1 5  ? 5.854   -4.938  -7.673  1.00 0.00 ? 5  DG  A "C5'"  1 
ATOM   131 C "C4'"  . DG  A 1 5  ? 4.831   -3.814  -7.832  1.00 0.00 ? 5  DG  A "C4'"  1 
ATOM   132 O "O4'"  . DG  A 1 5  ? 3.671   -4.097  -7.067  1.00 0.00 ? 5  DG  A "O4'"  1 
ATOM   133 C "C3'"  . DG  A 1 5  ? 5.376   -2.448  -7.389  1.00 0.00 ? 5  DG  A "C3'"  1 
ATOM   134 O "O3'"  . DG  A 1 5  ? 4.970   -1.508  -8.368  1.00 0.00 ? 5  DG  A "O3'"  1 
ATOM   135 C "C2'"  . DG  A 1 5  ? 4.665   -2.258  -6.053  1.00 0.00 ? 5  DG  A "C2'"  1 
ATOM   136 C "C1'"  . DG  A 1 5  ? 3.327   -2.933  -6.342  1.00 0.00 ? 5  DG  A "C1'"  1 
ATOM   137 N N9     . DG  A 1 5  ? 2.547   -3.322  -5.145  1.00 0.00 ? 5  DG  A N9     1 
ATOM   138 C C8     . DG  A 1 5  ? 2.946   -4.015  -4.030  1.00 0.00 ? 5  DG  A C8     1 
ATOM   139 N N7     . DG  A 1 5  ? 2.001   -4.213  -3.145  1.00 0.00 ? 5  DG  A N7     1 
ATOM   140 C C5     . DG  A 1 5  ? 0.870   -3.632  -3.748  1.00 0.00 ? 5  DG  A C5     1 
ATOM   141 C C6     . DG  A 1 5  ? -0.508  -3.525  -3.325  1.00 0.00 ? 5  DG  A C6     1 
ATOM   142 O O6     . DG  A 1 5  ? -1.057  -3.975  -2.318  1.00 0.00 ? 5  DG  A O6     1 
ATOM   143 N N1     . DG  A 1 5  ? -1.298  -2.811  -4.205  1.00 0.00 ? 5  DG  A N1     1 
ATOM   144 C C2     . DG  A 1 5  ? -0.849  -2.271  -5.359  1.00 0.00 ? 5  DG  A C2     1 
ATOM   145 N N2     . DG  A 1 5  ? -1.694  -1.588  -6.075  1.00 0.00 ? 5  DG  A N2     1 
ATOM   146 N N3     . DG  A 1 5  ? 0.401   -2.364  -5.800  1.00 0.00 ? 5  DG  A N3     1 
ATOM   147 C C4     . DG  A 1 5  ? 1.213   -3.063  -4.954  1.00 0.00 ? 5  DG  A C4     1 
ATOM   148 H "H5'"  . DG  A 1 5  ? 5.366   -5.892  -7.880  1.00 0.00 ? 5  DG  A "H5'"  1 
ATOM   149 H "H5''" . DG  A 1 5  ? 6.645   -4.785  -8.407  1.00 0.00 ? 5  DG  A "H5''" 1 
ATOM   150 H "H4'"  . DG  A 1 5  ? 4.548   -3.752  -8.883  1.00 0.00 ? 5  DG  A "H4'"  1 
ATOM   151 H "H3'"  . DG  A 1 5  ? 6.461   -2.460  -7.275  1.00 0.00 ? 5  DG  A "H3'"  1 
ATOM   152 H "H2'"  . DG  A 1 5  ? 5.211   -2.799  -5.282  1.00 0.00 ? 5  DG  A "H2'"  1 
ATOM   153 H "H2''" . DG  A 1 5  ? 4.571   -1.207  -5.794  1.00 0.00 ? 5  DG  A "H2''" 1 
ATOM   154 H "H1'"  . DG  A 1 5  ? 2.724   -2.275  -6.975  1.00 0.00 ? 5  DG  A "H1'"  1 
ATOM   155 H H8     . DG  A 1 5  ? 3.958   -4.377  -3.919  1.00 0.00 ? 5  DG  A H8     1 
ATOM   156 H H1     . DG  A 1 5  ? -2.274  -2.718  -3.973  1.00 0.00 ? 5  DG  A H1     1 
ATOM   157 H H21    . DG  A 1 5  ? -2.677  -1.551  -5.815  1.00 0.00 ? 5  DG  A H21    1 
ATOM   158 H H22    . DG  A 1 5  ? -1.359  -1.282  -6.967  1.00 0.00 ? 5  DG  A H22    1 
ATOM   159 P P      . DC  A 1 6  ? 5.525   -0.008  -8.435  1.00 0.00 ? 6  DC  A P      1 
ATOM   160 O OP1    . DC  A 1 6  ? 5.784   0.306   -9.857  1.00 0.00 ? 6  DC  A OP1    1 
ATOM   161 O OP2    . DC  A 1 6  ? 6.592   0.167   -7.426  1.00 0.00 ? 6  DC  A OP2    1 
ATOM   162 O "O5'"  . DC  A 1 6  ? 4.201   0.769   -7.966  1.00 0.00 ? 6  DC  A "O5'"  1 
ATOM   163 C "C5'"  . DC  A 1 6  ? 3.097   0.888   -8.853  1.00 0.00 ? 6  DC  A "C5'"  1 
ATOM   164 C "C4'"  . DC  A 1 6  ? 1.882   1.513   -8.160  1.00 0.00 ? 6  DC  A "C4'"  1 
ATOM   165 O "O4'"  . DC  A 1 6  ? 1.404   0.658   -7.138  1.00 0.00 ? 6  DC  A "O4'"  1 
ATOM   166 C "C3'"  . DC  A 1 6  ? 2.177   2.885   -7.548  1.00 0.00 ? 6  DC  A "C3'"  1 
ATOM   167 O "O3'"  . DC  A 1 6  ? 1.604   3.897   -8.358  1.00 0.00 ? 6  DC  A "O3'"  1 
ATOM   168 C "C2'"  . DC  A 1 6  ? 1.542   2.808   -6.160  1.00 0.00 ? 6  DC  A "C2'"  1 
ATOM   169 C "C1'"  . DC  A 1 6  ? 0.865   1.441   -6.091  1.00 0.00 ? 6  DC  A "C1'"  1 
ATOM   170 N N1     . DC  A 1 6  ? 1.138   0.768   -4.792  1.00 0.00 ? 6  DC  A N1     1 
ATOM   171 C C2     . DC  A 1 6  ? 0.108   0.651   -3.858  1.00 0.00 ? 6  DC  A C2     1 
ATOM   172 O O2     . DC  A 1 6  ? -0.972  1.205   -4.015  1.00 0.00 ? 6  DC  A O2     1 
ATOM   173 N N3     . DC  A 1 6  ? 0.273   -0.105  -2.747  1.00 0.00 ? 6  DC  A N3     1 
ATOM   174 C C4     . DC  A 1 6  ? 1.451   -0.644  -2.515  1.00 0.00 ? 6  DC  A C4     1 
ATOM   175 N N4     . DC  A 1 6  ? 1.501   -1.457  -1.498  1.00 0.00 ? 6  DC  A N4     1 
ATOM   176 C C5     . DC  A 1 6  ? 2.569   -0.492  -3.384  1.00 0.00 ? 6  DC  A C5     1 
ATOM   177 C C6     . DC  A 1 6  ? 2.373   0.230   -4.520  1.00 0.00 ? 6  DC  A C6     1 
ATOM   178 H "H5'"  . DC  A 1 6  ? 2.817   -0.109  -9.205  1.00 0.00 ? 6  DC  A "H5'"  1 
ATOM   179 H "H5''" . DC  A 1 6  ? 3.385   1.525   -9.695  1.00 0.00 ? 6  DC  A "H5''" 1 
ATOM   180 H "H4'"  . DC  A 1 6  ? 1.088   1.639   -8.895  1.00 0.00 ? 6  DC  A "H4'"  1 
ATOM   181 H "H3'"  . DC  A 1 6  ? 3.255   3.036   -7.457  1.00 0.00 ? 6  DC  A "H3'"  1 
ATOM   182 H "H2'"  . DC  A 1 6  ? 2.333   2.903   -5.413  1.00 0.00 ? 6  DC  A "H2'"  1 
ATOM   183 H "H2''" . DC  A 1 6  ? 0.792   3.582   -6.004  1.00 0.00 ? 6  DC  A "H2''" 1 
ATOM   184 H "H1'"  . DC  A 1 6  ? -0.213  1.562   -6.244  1.00 0.00 ? 6  DC  A "H1'"  1 
ATOM   185 H H41    . DC  A 1 6  ? 0.616   -1.545  -1.002  1.00 0.00 ? 6  DC  A H41    1 
ATOM   186 H H42    . DC  A 1 6  ? 2.191   -2.184  -1.508  1.00 0.00 ? 6  DC  A H42    1 
ATOM   187 H H5     . DC  A 1 6  ? 3.530   -0.934  -3.179  1.00 0.00 ? 6  DC  A H5     1 
ATOM   188 H H6     . DC  A 1 6  ? 3.164   0.374   -5.249  1.00 0.00 ? 6  DC  A H6     1 
HETATM 189 O OP1    . 2EG A 1 7  ? 1.695   6.212   -9.312  1.00 0.00 ? 7  2EG A OP1    1 
HETATM 190 P P      . 2EG A 1 7  ? 1.870   5.452   -8.058  1.00 0.00 ? 7  2EG A P      1 
HETATM 191 O OP2    . 2EG A 1 7  ? 3.124   5.594   -7.286  1.00 0.00 ? 7  2EG A OP2    1 
HETATM 192 O "O5'"  . 2EG A 1 7  ? 0.675   5.822   -7.077  1.00 0.00 ? 7  2EG A "O5'"  1 
HETATM 193 C "C5'"  . 2EG A 1 7  ? -0.636  6.153   -7.517  1.00 0.00 ? 7  2EG A "C5'"  1 
HETATM 194 C "C4'"  . 2EG A 1 7  ? -1.389  6.845   -6.366  1.00 0.00 ? 7  2EG A "C4'"  1 
HETATM 195 O "O4'"  . 2EG A 1 7  ? -1.536  5.864   -5.347  1.00 0.00 ? 7  2EG A "O4'"  1 
HETATM 196 C "C3'"  . 2EG A 1 7  ? -0.553  8.043   -5.839  1.00 0.00 ? 7  2EG A "C3'"  1 
HETATM 197 O "O3'"  . 2EG A 1 7  ? -1.124  9.271   -5.380  1.00 0.00 ? 7  2EG A "O3'"  1 
HETATM 198 C "C2'"  . 2EG A 1 7  ? 0.122   7.407   -4.631  1.00 0.00 ? 7  2EG A "C2'"  1 
HETATM 199 C "C1'"  . 2EG A 1 7  ? -0.853  6.301   -4.190  1.00 0.00 ? 7  2EG A "C1'"  1 
HETATM 200 N N9     . 2EG A 1 7  ? -0.187  5.176   -3.474  1.00 0.00 ? 7  2EG A N9     1 
HETATM 201 C C4     . 2EG A 1 7  ? -0.781  4.354   -2.537  1.00 0.00 ? 7  2EG A C4     1 
HETATM 202 N N3     . 2EG A 1 7  ? -2.111  4.290   -2.219  1.00 0.00 ? 7  2EG A N3     1 
HETATM 203 C C8     . 2EG A 1 7  ? 1.148   4.831   -3.450  1.00 0.00 ? 7  2EG A C8     1 
HETATM 204 N N7     . 2EG A 1 7  ? 1.466   3.932   -2.558  1.00 0.00 ? 7  2EG A N7     1 
HETATM 205 C C5     . 2EG A 1 7  ? 0.239   3.633   -1.956  1.00 0.00 ? 7  2EG A C5     1 
HETATM 206 C C6     . 2EG A 1 7  ? -0.096  2.754   -0.871  1.00 0.00 ? 7  2EG A C6     1 
HETATM 207 O O6     . 2EG A 1 7  ? 0.640   2.061   -0.170  1.00 0.00 ? 7  2EG A O6     1 
HETATM 208 N N1     . 2EG A 1 7  ? -1.447  2.707   -0.587  1.00 0.00 ? 7  2EG A N1     1 
HETATM 209 C C2     . 2EG A 1 7  ? -2.404  3.395   -1.269  1.00 0.00 ? 7  2EG A C2     1 
HETATM 210 N N2     . 2EG A 1 7  ? -3.652  3.046   -0.966  1.00 0.00 ? 7  2EG A N2     1 
HETATM 211 C C21    . 2EG A 1 7  ? -4.901  3.326   -1.700  1.00 0.00 ? 7  2EG A C21    1 
HETATM 212 C C22    . 2EG A 1 7  ? -5.330  4.748   -1.374  1.00 0.00 ? 7  2EG A C22    1 
HETATM 213 H "H5'"  . 2EG A 1 7  ? -1.170  5.251   -7.822  1.00 0.00 ? 7  2EG A "H5'"  1 
HETATM 214 H "H5''" . 2EG A 1 7  ? -0.579  6.842   -8.360  1.00 0.00 ? 7  2EG A "H5''" 1 
HETATM 215 H "H4'"  . 2EG A 1 7  ? -2.369  7.152   -6.714  1.00 0.00 ? 7  2EG A "H4'"  1 
HETATM 216 H "H3'"  . 2EG A 1 7  ? 0.201   8.300   -6.584  1.00 0.00 ? 7  2EG A "H3'"  1 
HETATM 217 H "H2'"  . 2EG A 1 7  ? 1.071   6.999   -4.964  1.00 0.00 ? 7  2EG A "H2'"  1 
HETATM 218 H "H2''" . 2EG A 1 7  ? 0.305   8.125   -3.835  1.00 0.00 ? 7  2EG A "H2''" 1 
HETATM 219 H "H1'"  . 2EG A 1 7  ? -1.609  6.728   -3.528  1.00 0.00 ? 7  2EG A "H1'"  1 
HETATM 220 H H8     . 2EG A 1 7  ? 1.878   5.277   -4.112  1.00 0.00 ? 7  2EG A H8     1 
HETATM 221 H H1     . 2EG A 1 7  ? -1.724  2.104   0.170   1.00 0.00 ? 7  2EG A H1     1 
HETATM 222 H H21    . 2EG A 1 7  ? -3.759  2.451   -0.150  1.00 0.00 ? 7  2EG A H21    1 
HETATM 223 H H211   . 2EG A 1 7  ? -5.672  2.651   -1.314  1.00 0.00 ? 7  2EG A H211   1 
HETATM 224 H H221   . 2EG A 1 7  ? -6.282  4.989   -1.844  1.00 0.00 ? 7  2EG A H221   1 
HETATM 225 H H222   . 2EG A 1 7  ? -4.562  5.421   -1.739  1.00 0.00 ? 7  2EG A H222   1 
HETATM 226 H H223   . 2EG A 1 7  ? -5.412  4.869   -0.295  1.00 0.00 ? 7  2EG A H223   1 
ATOM   227 P P      . DA  A 1 8  ? -2.612  9.803   -5.665  1.00 0.00 ? 8  DA  A P      1 
ATOM   228 O OP1    . DA  A 1 8  ? -3.106  9.307   -6.967  1.00 0.00 ? 8  DA  A OP1    1 
ATOM   229 O OP2    . DA  A 1 8  ? -2.643  11.248  -5.361  1.00 0.00 ? 8  DA  A OP2    1 
ATOM   230 O "O5'"  . DA  A 1 8  ? -3.332  9.040   -4.464  1.00 0.00 ? 8  DA  A "O5'"  1 
ATOM   231 C "C5'"  . DA  A 1 8  ? -4.737  8.899   -4.366  1.00 0.00 ? 8  DA  A "C5'"  1 
ATOM   232 C "C4'"  . DA  A 1 8  ? -5.147  8.651   -2.903  1.00 0.00 ? 8  DA  A "C4'"  1 
ATOM   233 O "O4'"  . DA  A 1 8  ? -4.246  7.717   -2.310  1.00 0.00 ? 8  DA  A "O4'"  1 
ATOM   234 C "C3'"  . DA  A 1 8  ? -5.085  9.917   -2.034  1.00 0.00 ? 8  DA  A "C3'"  1 
ATOM   235 O "O3'"  . DA  A 1 8  ? -6.031  9.827   -0.983  1.00 0.00 ? 8  DA  A "O3'"  1 
ATOM   236 C "C2'"  . DA  A 1 8  ? -3.715  9.785   -1.393  1.00 0.00 ? 8  DA  A "C2'"  1 
ATOM   237 C "C1'"  . DA  A 1 8  ? -3.718  8.282   -1.122  1.00 0.00 ? 8  DA  A "C1'"  1 
ATOM   238 N N9     . DA  A 1 8  ? -2.383  7.725   -0.802  1.00 0.00 ? 8  DA  A N9     1 
ATOM   239 C C8     . DA  A 1 8  ? -1.167  8.028   -1.363  1.00 0.00 ? 8  DA  A C8     1 
ATOM   240 N N7     . DA  A 1 8  ? -0.156  7.348   -0.878  1.00 0.00 ? 8  DA  A N7     1 
ATOM   241 C C5     . DA  A 1 8  ? -0.762  6.561   0.114   1.00 0.00 ? 8  DA  A C5     1 
ATOM   242 C C6     . DA  A 1 8  ? -0.308  5.594   1.045   1.00 0.00 ? 8  DA  A C6     1 
ATOM   243 N N6     . DA  A 1 8  ? 0.931   5.155   1.161   1.00 0.00 ? 8  DA  A N6     1 
ATOM   244 N N1     . DA  A 1 8  ? -1.147  4.997   1.890   1.00 0.00 ? 8  DA  A N1     1 
ATOM   245 C C2     . DA  A 1 8  ? -2.430  5.335   1.835   1.00 0.00 ? 8  DA  A C2     1 
ATOM   246 N N3     . DA  A 1 8  ? -3.004  6.220   1.033   1.00 0.00 ? 8  DA  A N3     1 
ATOM   247 C C4     . DA  A 1 8  ? -2.111  6.793   0.174   1.00 0.00 ? 8  DA  A C4     1 
ATOM   248 H "H5'"  . DA  A 1 8  ? -5.048  8.055   -4.982  1.00 0.00 ? 8  DA  A "H5'"  1 
ATOM   249 H "H5''" . DA  A 1 8  ? -5.229  9.805   -4.725  1.00 0.00 ? 8  DA  A "H5''" 1 
ATOM   250 H "H4'"  . DA  A 1 8  ? -6.166  8.262   -2.871  1.00 0.00 ? 8  DA  A "H4'"  1 
ATOM   251 H "H3'"  . DA  A 1 8  ? -5.182  10.838  -2.614  1.00 0.00 ? 8  DA  A "H3'"  1 
ATOM   252 H "H2'"  . DA  A 1 8  ? -2.941  10.068  -2.105  1.00 0.00 ? 8  DA  A "H2'"  1 
ATOM   253 H "H2''" . DA  A 1 8  ? -3.652  10.375  -0.484  1.00 0.00 ? 8  DA  A "H2''" 1 
ATOM   254 H "H1'"  . DA  A 1 8  ? -4.405  8.070   -0.296  1.00 0.00 ? 8  DA  A "H1'"  1 
ATOM   255 H H8     . DA  A 1 8  ? -1.075  8.742   -2.173  1.00 0.00 ? 8  DA  A H8     1 
ATOM   256 H H61    . DA  A 1 8  ? 1.112   4.375   1.783   1.00 0.00 ? 8  DA  A H61    1 
ATOM   257 H H62    . DA  A 1 8  ? 1.631   5.515   0.535   1.00 0.00 ? 8  DA  A H62    1 
ATOM   258 H H2     . DA  A 1 8  ? -3.082  4.829   2.532   1.00 0.00 ? 8  DA  A H2     1 
ATOM   259 P P      . DG  A 1 9  ? -7.308  10.773  -0.888  1.00 0.00 ? 9  DG  A P      1 
ATOM   260 O OP1    . DG  A 1 9  ? -8.351  10.274  -1.809  1.00 0.00 ? 9  DG  A OP1    1 
ATOM   261 O OP2    . DG  A 1 9  ? -6.855  12.179  -0.963  1.00 0.00 ? 9  DG  A OP2    1 
ATOM   262 O "O5'"  . DG  A 1 9  ? -7.726  10.448  0.637   1.00 0.00 ? 9  DG  A "O5'"  1 
ATOM   263 C "C5'"  . DG  A 1 9  ? -7.077  11.087  1.736   1.00 0.00 ? 9  DG  A "C5'"  1 
ATOM   264 C "C4'"  . DG  A 1 9  ? -6.494  10.114  2.780   1.00 0.00 ? 9  DG  A "C4'"  1 
ATOM   265 O "O4'"  . DG  A 1 9  ? -5.258  9.545   2.348   1.00 0.00 ? 9  DG  A "O4'"  1 
ATOM   266 C "C3'"  . DG  A 1 9  ? -6.180  10.868  4.088   1.00 0.00 ? 9  DG  A "C3'"  1 
ATOM   267 O "O3'"  . DG  A 1 9  ? -6.933  10.365  5.181   1.00 0.00 ? 9  DG  A "O3'"  1 
ATOM   268 C "C2'"  . DG  A 1 9  ? -4.686  10.632  4.283   1.00 0.00 ? 9  DG  A "C2'"  1 
ATOM   269 C "C1'"  . DG  A 1 9  ? -4.421  9.372   3.478   1.00 0.00 ? 9  DG  A "C1'"  1 
ATOM   270 N N9     . DG  A 1 9  ? -2.988  9.253   3.105   1.00 0.00 ? 9  DG  A N9     1 
ATOM   271 C C8     . DG  A 1 9  ? -2.321  9.885   2.090   1.00 0.00 ? 9  DG  A C8     1 
ATOM   272 N N7     . DG  A 1 9  ? -1.059  9.568   1.983   1.00 0.00 ? 9  DG  A N7     1 
ATOM   273 C C5     . DG  A 1 9  ? -0.857  8.664   3.035   1.00 0.00 ? 9  DG  A C5     1 
ATOM   274 C C6     . DG  A 1 9  ? 0.315   7.947   3.482   1.00 0.00 ? 9  DG  A C6     1 
ATOM   275 O O6     . DG  A 1 9  ? 1.444   7.892   2.998   1.00 0.00 ? 9  DG  A O6     1 
ATOM   276 N N1     . DG  A 1 9  ? 0.106   7.218   4.635   1.00 0.00 ? 9  DG  A N1     1 
ATOM   277 C C2     . DG  A 1 9  ? -1.076  7.165   5.289   1.00 0.00 ? 9  DG  A C2     1 
ATOM   278 N N2     . DG  A 1 9  ? -1.101  6.501   6.409   1.00 0.00 ? 9  DG  A N2     1 
ATOM   279 N N3     . DG  A 1 9  ? -2.187  7.784   4.903   1.00 0.00 ? 9  DG  A N3     1 
ATOM   280 C C4     . DG  A 1 9  ? -2.022  8.511   3.757   1.00 0.00 ? 9  DG  A C4     1 
ATOM   281 H "H5'"  . DG  A 1 9  ? -7.818  11.720  2.224   1.00 0.00 ? 9  DG  A "H5'"  1 
ATOM   282 H "H5''" . DG  A 1 9  ? -6.267  11.726  1.386   1.00 0.00 ? 9  DG  A "H5''" 1 
ATOM   283 H "H4'"  . DG  A 1 9  ? -7.215  9.323   2.992   1.00 0.00 ? 9  DG  A "H4'"  1 
ATOM   284 H "H3'"  . DG  A 1 9  ? -6.376  11.936  3.966   1.00 0.00 ? 9  DG  A "H3'"  1 
ATOM   285 H "H2'"  . DG  A 1 9  ? -4.150  11.475  3.853   1.00 0.00 ? 9  DG  A "H2'"  1 
ATOM   286 H "H2''" . DG  A 1 9  ? -4.423  10.486  5.328   1.00 0.00 ? 9  DG  A "H2''" 1 
ATOM   287 H "H1'"  . DG  A 1 9  ? -4.728  8.493   4.053   1.00 0.00 ? 9  DG  A "H1'"  1 
ATOM   288 H H8     . DG  A 1 9  ? -2.815  10.585  1.438   1.00 0.00 ? 9  DG  A H8     1 
ATOM   289 H H1     . DG  A 1 9  ? 0.882   6.674   4.978   1.00 0.00 ? 9  DG  A H1     1 
ATOM   290 H H21    . DG  A 1 9  ? -0.286  5.999   6.748   1.00 0.00 ? 9  DG  A H21    1 
ATOM   291 H H22    . DG  A 1 9  ? -1.995  6.418   6.853   1.00 0.00 ? 9  DG  A H22    1 
ATOM   292 P P      . DT  A 1 10 ? -7.070  11.200  6.557   1.00 0.00 ? 10 DT  A P      1 
ATOM   293 O OP1    . DT  A 1 10 ? -8.335  10.828  7.219   1.00 0.00 ? 10 DT  A OP1    1 
ATOM   294 O OP2    . DT  A 1 10 ? -6.790  12.625  6.267   1.00 0.00 ? 10 DT  A OP2    1 
ATOM   295 O "O5'"  . DT  A 1 10 ? -5.835  10.651  7.425   1.00 0.00 ? 10 DT  A "O5'"  1 
ATOM   296 C "C5'"  . DT  A 1 10 ? -5.835  9.369   8.045   1.00 0.00 ? 10 DT  A "C5'"  1 
ATOM   297 C "C4'"  . DT  A 1 10 ? -4.556  9.132   8.876   1.00 0.00 ? 10 DT  A "C4'"  1 
ATOM   298 O "O4'"  . DT  A 1 10 ? -3.436  8.971   7.998   1.00 0.00 ? 10 DT  A "O4'"  1 
ATOM   299 C "C3'"  . DT  A 1 10 ? -4.235  10.320  9.808   1.00 0.00 ? 10 DT  A "C3'"  1 
ATOM   300 O "O3'"  . DT  A 1 10 ? -3.556  9.955   10.997  1.00 0.00 ? 10 DT  A "O3'"  1 
ATOM   301 C "C2'"  . DT  A 1 10 ? -3.187  11.049  8.985   1.00 0.00 ? 10 DT  A "C2'"  1 
ATOM   302 C "C1'"  . DT  A 1 10 ? -2.412  9.833   8.464   1.00 0.00 ? 10 DT  A "C1'"  1 
ATOM   303 N N1     . DT  A 1 10 ? -1.398  10.142  7.417   1.00 0.00 ? 10 DT  A N1     1 
ATOM   304 C C2     . DT  A 1 10 ? -0.102  9.630   7.588   1.00 0.00 ? 10 DT  A C2     1 
ATOM   305 O O2     . DT  A 1 10 ? 0.262   8.977   8.558   1.00 0.00 ? 10 DT  A O2     1 
ATOM   306 N N3     . DT  A 1 10 ? 0.828   9.962   6.632   1.00 0.00 ? 10 DT  A N3     1 
ATOM   307 C C4     . DT  A 1 10 ? 0.631   10.842  5.598   1.00 0.00 ? 10 DT  A C4     1 
ATOM   308 O O4     . DT  A 1 10 ? 1.572   11.124  4.867   1.00 0.00 ? 10 DT  A O4     1 
ATOM   309 C C5     . DT  A 1 10 ? -0.718  11.390  5.500   1.00 0.00 ? 10 DT  A C5     1 
ATOM   310 C C7     . DT  A 1 10 ? -1.058  12.379  4.399   1.00 0.00 ? 10 DT  A C7     1 
ATOM   311 C C6     . DT  A 1 10 ? -1.682  11.011  6.380   1.00 0.00 ? 10 DT  A C6     1 
ATOM   312 H "H5'"  . DT  A 1 10 ? -5.915  8.592   7.283   1.00 0.00 ? 10 DT  A "H5'"  1 
ATOM   313 H "H5''" . DT  A 1 10 ? -6.698  9.294   8.710   1.00 0.00 ? 10 DT  A "H5''" 1 
ATOM   314 H "H4'"  . DT  A 1 10 ? -4.685  8.229   9.476   1.00 0.00 ? 10 DT  A "H4'"  1 
ATOM   315 H "H3'"  . DT  A 1 10 ? -5.106  10.943  10.016  1.00 0.00 ? 10 DT  A "H3'"  1 
ATOM   316 H "H2'"  . DT  A 1 10 ? -3.665  11.607  8.184   1.00 0.00 ? 10 DT  A "H2'"  1 
ATOM   317 H "H2''" . DT  A 1 10 ? -2.583  11.703  9.602   1.00 0.00 ? 10 DT  A "H2''" 1 
ATOM   318 H "H1'"  . DT  A 1 10 ? -1.920  9.350   9.320   1.00 0.00 ? 10 DT  A "H1'"  1 
ATOM   319 H H3     . DT  A 1 10 ? 1.756   9.576   6.743   1.00 0.00 ? 10 DT  A H3     1 
ATOM   320 H H71    . DT  A 1 10 ? -0.434  12.179  3.527   1.00 0.00 ? 10 DT  A H71    1 
ATOM   321 H H72    . DT  A 1 10 ? -2.100  12.284  4.103   1.00 0.00 ? 10 DT  A H72    1 
ATOM   322 H H73    . DT  A 1 10 ? -0.857  13.392  4.745   1.00 0.00 ? 10 DT  A H73    1 
ATOM   323 H H6     . DT  A 1 10 ? -2.688  11.391  6.274   1.00 0.00 ? 10 DT  A H6     1 
ATOM   324 P P      . DC  A 1 11 ? -4.293  9.376   12.292  1.00 0.00 ? 11 DC  A P      1 
ATOM   325 O OP1    . DC  A 1 11 ? -5.115  8.213   11.903  1.00 0.00 ? 11 DC  A OP1    1 
ATOM   326 O OP2    . DC  A 1 11 ? -4.905  10.520  13.000  1.00 0.00 ? 11 DC  A OP2    1 
ATOM   327 O "O5'"  . DC  A 1 11 ? -3.005  8.870   13.118  1.00 0.00 ? 11 DC  A "O5'"  1 
ATOM   328 C "C5'"  . DC  A 1 11 ? -2.159  9.793   13.790  1.00 0.00 ? 11 DC  A "C5'"  1 
ATOM   329 C "C4'"  . DC  A 1 11 ? -0.695  9.706   13.343  1.00 0.00 ? 11 DC  A "C4'"  1 
ATOM   330 O "O4'"  . DC  A 1 11 ? -0.500  10.102  11.989  1.00 0.00 ? 11 DC  A "O4'"  1 
ATOM   331 C "C3'"  . DC  A 1 11 ? 0.161   10.667  14.186  1.00 0.00 ? 11 DC  A "C3'"  1 
ATOM   332 O "O3'"  . DC  A 1 11 ? 0.948   9.955   15.129  1.00 0.00 ? 11 DC  A "O3'"  1 
ATOM   333 C "C2'"  . DC  A 1 11 ? 1.007   11.393  13.135  1.00 0.00 ? 11 DC  A "C2'"  1 
ATOM   334 C "C1'"  . DC  A 1 11 ? 0.828   10.566  11.866  1.00 0.00 ? 11 DC  A "C1'"  1 
ATOM   335 N N1     . DC  A 1 11 ? 1.015   11.378  10.630  1.00 0.00 ? 11 DC  A N1     1 
ATOM   336 C C2     . DC  A 1 11 ? 2.229   11.322  9.934   1.00 0.00 ? 11 DC  A C2     1 
ATOM   337 O O2     . DC  A 1 11 ? 3.190   10.675  10.341  1.00 0.00 ? 11 DC  A O2     1 
ATOM   338 N N3     . DC  A 1 11 ? 2.412   12.040  8.802   1.00 0.00 ? 11 DC  A N3     1 
ATOM   339 C C4     . DC  A 1 11 ? 1.425   12.786  8.367   1.00 0.00 ? 11 DC  A C4     1 
ATOM   340 N N4     . DC  A 1 11 ? 1.636   13.410  7.249   1.00 0.00 ? 11 DC  A N4     1 
ATOM   341 C C5     . DC  A 1 11 ? 0.185   12.932  9.048   1.00 0.00 ? 11 DC  A C5     1 
ATOM   342 C C6     . DC  A 1 11 ? 0.019   12.212  10.188  1.00 0.00 ? 11 DC  A C6     1 
ATOM   343 H "H5'"  . DC  A 1 11 ? -2.205  9.577   14.857  1.00 0.00 ? 11 DC  A "H5'"  1 
ATOM   344 H "H5''" . DC  A 1 11 ? -2.511  10.814  13.633  1.00 0.00 ? 11 DC  A "H5''" 1 
ATOM   345 H "H4'"  . DC  A 1 11 ? -0.337  8.684   13.481  1.00 0.00 ? 11 DC  A "H4'"  1 
ATOM   346 H "H3'"  . DC  A 1 11 ? -0.480  11.385  14.705  1.00 0.00 ? 11 DC  A "H3'"  1 
ATOM   347 H "H2'"  . DC  A 1 11 ? 0.606   12.398  12.996  1.00 0.00 ? 11 DC  A "H2'"  1 
ATOM   348 H "H2''" . DC  A 1 11 ? 2.056   11.437  13.399  1.00 0.00 ? 11 DC  A "H2''" 1 
ATOM   349 H "H1'"  . DC  A 1 11 ? 1.524   9.719   11.867  1.00 0.00 ? 11 DC  A "H1'"  1 
ATOM   350 H H41    . DC  A 1 11 ? 2.502   13.183  6.756   1.00 0.00 ? 11 DC  A H41    1 
ATOM   351 H H42    . DC  A 1 11 ? 0.881   13.862  6.781   1.00 0.00 ? 11 DC  A H42    1 
ATOM   352 H H5     . DC  A 1 11 ? -0.614  13.554  8.682   1.00 0.00 ? 11 DC  A H5     1 
ATOM   353 H H6     . DC  A 1 11 ? -0.900  12.255  10.764  1.00 0.00 ? 11 DC  A H6     1 
ATOM   354 P P      . DC  A 1 12 ? 1.653   10.685  16.388  1.00 0.00 ? 12 DC  A P      1 
ATOM   355 O OP1    . DC  A 1 12 ? 2.119   9.658   17.338  1.00 0.00 ? 12 DC  A OP1    1 
ATOM   356 O OP2    . DC  A 1 12 ? 0.806   11.801  16.857  1.00 0.00 ? 12 DC  A OP2    1 
ATOM   357 O "O5'"  . DC  A 1 12 ? 2.956   11.299  15.680  1.00 0.00 ? 12 DC  A "O5'"  1 
ATOM   358 C "C5'"  . DC  A 1 12 ? 3.974   10.436  15.196  1.00 0.00 ? 12 DC  A "C5'"  1 
ATOM   359 C "C4'"  . DC  A 1 12 ? 5.057   11.184  14.412  1.00 0.00 ? 12 DC  A "C4'"  1 
ATOM   360 O "O4'"  . DC  A 1 12 ? 4.683   11.438  13.071  1.00 0.00 ? 12 DC  A "O4'"  1 
ATOM   361 C "C3'"  . DC  A 1 12 ? 5.397   12.570  14.957  1.00 0.00 ? 12 DC  A "C3'"  1 
ATOM   362 O "O3'"  . DC  A 1 12 ? 6.224   12.513  16.103  1.00 0.00 ? 12 DC  A "O3'"  1 
ATOM   363 C "C2'"  . DC  A 1 12 ? 6.117   13.192  13.766  1.00 0.00 ? 12 DC  A "C2'"  1 
ATOM   364 C "C1'"  . DC  A 1 12 ? 5.560   12.423  12.558  1.00 0.00 ? 12 DC  A "C1'"  1 
ATOM   365 N N1     . DC  A 1 12 ? 4.852   13.321  11.609  1.00 0.00 ? 12 DC  A N1     1 
ATOM   366 C C2     . DC  A 1 12 ? 5.563   13.807  10.511  1.00 0.00 ? 12 DC  A C2     1 
ATOM   367 O O2     . DC  A 1 12 ? 6.744   13.523  10.334  1.00 0.00 ? 12 DC  A O2     1 
ATOM   368 N N3     . DC  A 1 12 ? 4.974   14.630  9.618   1.00 0.00 ? 12 DC  A N3     1 
ATOM   369 C C4     . DC  A 1 12 ? 3.713   14.951  9.790   1.00 0.00 ? 12 DC  A C4     1 
ATOM   370 N N4     . DC  A 1 12 ? 3.206   15.715  8.866   1.00 0.00 ? 12 DC  A N4     1 
ATOM   371 C C5     . DC  A 1 12 ? 2.942   14.529  10.909  1.00 0.00 ? 12 DC  A C5     1 
ATOM   372 C C6     . DC  A 1 12 ? 3.552   13.715  11.813  1.00 0.00 ? 12 DC  A C6     1 
ATOM   373 H "H5'"  . DC  A 1 12 ? 3.537   9.673   14.549  1.00 0.00 ? 12 DC  A "H5'"  1 
ATOM   374 H "H5''" . DC  A 1 12 ? 4.435   9.931   16.046  1.00 0.00 ? 12 DC  A "H5''" 1 
ATOM   375 H "H4'"  . DC  A 1 12 ? 5.959   10.572  14.406  1.00 0.00 ? 12 DC  A "H4'"  1 
ATOM   376 H "H3'"  . DC  A 1 12 ? 4.476   13.121  15.157  1.00 0.00 ? 12 DC  A "H3'"  1 
ATOM   377 H "HO3'" . DC  A 1 12 ? 5.672   12.201  16.833  1.00 0.00 ? 12 DC  A "HO3'" 1 
ATOM   378 H "H2'"  . DC  A 1 12 ? 5.904   14.259  13.709  1.00 0.00 ? 12 DC  A "H2'"  1 
ATOM   379 H "H2''" . DC  A 1 12 ? 7.191   13.027  13.842  1.00 0.00 ? 12 DC  A "H2''" 1 
ATOM   380 H "H1'"  . DC  A 1 12 ? 6.385   11.925  12.035  1.00 0.00 ? 12 DC  A "H1'"  1 
ATOM   381 H H41    . DC  A 1 12 ? 3.816   15.868  8.064   1.00 0.00 ? 12 DC  A H41    1 
ATOM   382 H H42    . DC  A 1 12 ? 2.220   15.848  8.825   1.00 0.00 ? 12 DC  A H42    1 
ATOM   383 H H5     . DC  A 1 12 ? 1.912   14.815  11.043  1.00 0.00 ? 12 DC  A H5     1 
ATOM   384 H H6     . DC  A 1 12 ? 3.024   13.346  12.683  1.00 0.00 ? 12 DC  A H6     1 
ATOM   385 O "O5'"  . DG  B 2 1  ? 10.852  18.072  1.106   1.00 0.00 ? 13 DG  B "O5'"  1 
ATOM   386 C "C5'"  . DG  B 2 1  ? 10.958  16.713  0.717   1.00 0.00 ? 13 DG  B "C5'"  1 
ATOM   387 C "C4'"  . DG  B 2 1  ? 11.504  15.887  1.888   1.00 0.00 ? 13 DG  B "C4'"  1 
ATOM   388 O "O4'"  . DG  B 2 1  ? 10.670  16.136  3.015   1.00 0.00 ? 13 DG  B "O4'"  1 
ATOM   389 C "C3'"  . DG  B 2 1  ? 11.465  14.383  1.601   1.00 0.00 ? 13 DG  B "C3'"  1 
ATOM   390 O "O3'"  . DG  B 2 1  ? 12.586  13.791  2.234   1.00 0.00 ? 13 DG  B "O3'"  1 
ATOM   391 C "C2'"  . DG  B 2 1  ? 10.131  13.973  2.220   1.00 0.00 ? 13 DG  B "C2'"  1 
ATOM   392 C "C1'"  . DG  B 2 1  ? 10.045  14.923  3.409   1.00 0.00 ? 13 DG  B "C1'"  1 
ATOM   393 N N9     . DG  B 2 1  ? 8.659   15.228  3.834   1.00 0.00 ? 13 DG  B N9     1 
ATOM   394 C C8     . DG  B 2 1  ? 7.679   15.921  3.167   1.00 0.00 ? 13 DG  B C8     1 
ATOM   395 N N7     . DG  B 2 1  ? 6.615   16.177  3.881   1.00 0.00 ? 13 DG  B N7     1 
ATOM   396 C C5     . DG  B 2 1  ? 6.893   15.566  5.115   1.00 0.00 ? 13 DG  B C5     1 
ATOM   397 C C6     . DG  B 2 1  ? 6.158   15.498  6.355   1.00 0.00 ? 13 DG  B C6     1 
ATOM   398 O O6     . DG  B 2 1  ? 5.079   16.007  6.667   1.00 0.00 ? 13 DG  B O6     1 
ATOM   399 N N1     . DG  B 2 1  ? 6.813   14.778  7.337   1.00 0.00 ? 13 DG  B N1     1 
ATOM   400 C C2     . DG  B 2 1  ? 8.035   14.213  7.172   1.00 0.00 ? 13 DG  B C2     1 
ATOM   401 N N2     . DG  B 2 1  ? 8.513   13.489  8.140   1.00 0.00 ? 13 DG  B N2     1 
ATOM   402 N N3     . DG  B 2 1  ? 8.777   14.310  6.081   1.00 0.00 ? 13 DG  B N3     1 
ATOM   403 C C4     . DG  B 2 1  ? 8.142   14.980  5.079   1.00 0.00 ? 13 DG  B C4     1 
ATOM   404 H "H5'"  . DG  B 2 1  ? 11.631  16.621  -0.137  1.00 0.00 ? 13 DG  B "H5'"  1 
ATOM   405 H "H5''" . DG  B 2 1  ? 9.974   16.335  0.437   1.00 0.00 ? 13 DG  B "H5''" 1 
ATOM   406 H "H4'"  . DG  B 2 1  ? 12.533  16.185  2.101   1.00 0.00 ? 13 DG  B "H4'"  1 
ATOM   407 H "H3'"  . DG  B 2 1  ? 11.483  14.178  0.529   1.00 0.00 ? 13 DG  B "H3'"  1 
ATOM   408 H "H2'"  . DG  B 2 1  ? 9.320   14.159  1.515   1.00 0.00 ? 13 DG  B "H2'"  1 
ATOM   409 H "H2''" . DG  B 2 1  ? 10.129  12.930  2.537   1.00 0.00 ? 13 DG  B "H2''" 1 
ATOM   410 H "H1'"  . DG  B 2 1  ? 10.597  14.476  4.244   1.00 0.00 ? 13 DG  B "H1'"  1 
ATOM   411 H H8     . DG  B 2 1  ? 7.806   16.265  2.150   1.00 0.00 ? 13 DG  B H8     1 
ATOM   412 H H1     . DG  B 2 1  ? 6.309   14.625  8.197   1.00 0.00 ? 13 DG  B H1     1 
ATOM   413 H H21    . DG  B 2 1  ? 7.954   13.329  8.975   1.00 0.00 ? 13 DG  B H21    1 
ATOM   414 H H22    . DG  B 2 1  ? 9.312   12.930  7.901   1.00 0.00 ? 13 DG  B H22    1 
ATOM   415 H "HO5'" . DG  B 2 1  ? 10.568  18.069  2.031   1.00 0.00 ? 13 DG  B "HO5'" 1 
ATOM   416 P P      . DG  B 2 2  ? 13.032  12.274  1.929   1.00 0.00 ? 14 DG  B P      1 
ATOM   417 O OP1    . DG  B 2 2  ? 14.482  12.175  2.179   1.00 0.00 ? 14 DG  B OP1    1 
ATOM   418 O OP2    . DG  B 2 2  ? 12.476  11.899  0.610   1.00 0.00 ? 14 DG  B OP2    1 
ATOM   419 O "O5'"  . DG  B 2 2  ? 12.251  11.477  3.090   1.00 0.00 ? 14 DG  B "O5'"  1 
ATOM   420 C "C5'"  . DG  B 2 2  ? 12.673  11.582  4.447   1.00 0.00 ? 14 DG  B "C5'"  1 
ATOM   421 C "C4'"  . DG  B 2 2  ? 11.836  10.765  5.445   1.00 0.00 ? 14 DG  B "C4'"  1 
ATOM   422 O "O4'"  . DG  B 2 2  ? 10.556  11.357  5.659   1.00 0.00 ? 14 DG  B "O4'"  1 
ATOM   423 C "C3'"  . DG  B 2 2  ? 11.618  9.309   5.018   1.00 0.00 ? 14 DG  B "C3'"  1 
ATOM   424 O "O3'"  . DG  B 2 2  ? 11.790  8.480   6.165   1.00 0.00 ? 14 DG  B "O3'"  1 
ATOM   425 C "C2'"  . DG  B 2 2  ? 10.165  9.353   4.559   1.00 0.00 ? 14 DG  B "C2'"  1 
ATOM   426 C "C1'"  . DG  B 2 2  ? 9.585   10.323  5.587   1.00 0.00 ? 14 DG  B "C1'"  1 
ATOM   427 N N9     . DG  B 2 2  ? 8.257   10.896  5.255   1.00 0.00 ? 14 DG  B N9     1 
ATOM   428 C C8     . DG  B 2 2  ? 7.822   11.453  4.079   1.00 0.00 ? 14 DG  B C8     1 
ATOM   429 N N7     . DG  B 2 2  ? 6.641   12.014  4.149   1.00 0.00 ? 14 DG  B N7     1 
ATOM   430 C C5     . DG  B 2 2  ? 6.241   11.777  5.472   1.00 0.00 ? 14 DG  B C5     1 
ATOM   431 C C6     . DG  B 2 2  ? 5.056   12.146  6.210   1.00 0.00 ? 14 DG  B C6     1 
ATOM   432 O O6     . DG  B 2 2  ? 4.087   12.828  5.876   1.00 0.00 ? 14 DG  B O6     1 
ATOM   433 N N1     . DG  B 2 2  ? 5.032   11.650  7.499   1.00 0.00 ? 14 DG  B N1     1 
ATOM   434 C C2     . DG  B 2 2  ? 6.012   10.884  8.031   1.00 0.00 ? 14 DG  B C2     1 
ATOM   435 N N2     . DG  B 2 2  ? 5.788   10.362  9.206   1.00 0.00 ? 14 DG  B N2     1 
ATOM   436 N N3     . DG  B 2 2  ? 7.148   10.572  7.420   1.00 0.00 ? 14 DG  B N3     1 
ATOM   437 C C4     . DG  B 2 2  ? 7.206   11.043  6.134   1.00 0.00 ? 14 DG  B C4     1 
ATOM   438 H "H5'"  . DG  B 2 2  ? 12.648  12.628  4.751   1.00 0.00 ? 14 DG  B "H5'"  1 
ATOM   439 H "H5''" . DG  B 2 2  ? 13.706  11.235  4.509   1.00 0.00 ? 14 DG  B "H5''" 1 
ATOM   440 H "H4'"  . DG  B 2 2  ? 12.371  10.750  6.394   1.00 0.00 ? 14 DG  B "H4'"  1 
ATOM   441 H "H3'"  . DG  B 2 2  ? 12.296  9.024   4.209   1.00 0.00 ? 14 DG  B "H3'"  1 
ATOM   442 H "H2'"  . DG  B 2 2  ? 10.113  9.771   3.553   1.00 0.00 ? 14 DG  B "H2'"  1 
ATOM   443 H "H2''" . DG  B 2 2  ? 9.705   8.371   4.600   1.00 0.00 ? 14 DG  B "H2''" 1 
ATOM   444 H "H1'"  . DG  B 2 2  ? 9.522   9.805   6.549   1.00 0.00 ? 14 DG  B "H1'"  1 
ATOM   445 H H8     . DG  B 2 2  ? 8.429   11.451  3.186   1.00 0.00 ? 14 DG  B H8     1 
ATOM   446 H H1     . DG  B 2 2  ? 4.174   11.771  8.011   1.00 0.00 ? 14 DG  B H1     1 
ATOM   447 H H21    . DG  B 2 2  ? 4.879   10.465  9.649   1.00 0.00 ? 14 DG  B H21    1 
ATOM   448 H H22    . DG  B 2 2  ? 6.414   9.621   9.469   1.00 0.00 ? 14 DG  B H22    1 
ATOM   449 P P      . DA  B 2 3  ? 12.118  6.908   6.051   1.00 0.00 ? 15 DA  B P      1 
ATOM   450 O OP1    . DA  B 2 3  ? 13.328  6.642   6.856   1.00 0.00 ? 15 DA  B OP1    1 
ATOM   451 O OP2    . DA  B 2 3  ? 12.077  6.515   4.626   1.00 0.00 ? 15 DA  B OP2    1 
ATOM   452 O "O5'"  . DA  B 2 3  ? 10.866  6.224   6.777   1.00 0.00 ? 15 DA  B "O5'"  1 
ATOM   453 C "C5'"  . DA  B 2 3  ? 10.815  6.013   8.182   1.00 0.00 ? 15 DA  B "C5'"  1 
ATOM   454 C "C4'"  . DA  B 2 3  ? 9.483   5.378   8.630   1.00 0.00 ? 15 DA  B "C4'"  1 
ATOM   455 O "O4'"  . DA  B 2 3  ? 8.448   6.324   8.371   1.00 0.00 ? 15 DA  B "O4'"  1 
ATOM   456 C "C3'"  . DA  B 2 3  ? 9.113   4.088   7.866   1.00 0.00 ? 15 DA  B "C3'"  1 
ATOM   457 O "O3'"  . DA  B 2 3  ? 8.165   3.275   8.532   1.00 0.00 ? 15 DA  B "O3'"  1 
ATOM   458 C "C2'"  . DA  B 2 3  ? 8.310   4.642   6.708   1.00 0.00 ? 15 DA  B "C2'"  1 
ATOM   459 C "C1'"  . DA  B 2 3  ? 7.541   5.734   7.459   1.00 0.00 ? 15 DA  B "C1'"  1 
ATOM   460 N N9     . DA  B 2 3  ? 6.955   6.736   6.553   1.00 0.00 ? 15 DA  B N9     1 
ATOM   461 C C8     . DA  B 2 3  ? 7.366   7.109   5.297   1.00 0.00 ? 15 DA  B C8     1 
ATOM   462 N N7     . DA  B 2 3  ? 6.536   7.894   4.662   1.00 0.00 ? 15 DA  B N7     1 
ATOM   463 C C5     . DA  B 2 3  ? 5.512   8.074   5.607   1.00 0.00 ? 15 DA  B C5     1 
ATOM   464 C C6     . DA  B 2 3  ? 4.303   8.799   5.636   1.00 0.00 ? 15 DA  B C6     1 
ATOM   465 N N6     . DA  B 2 3  ? 3.894   9.567   4.654   1.00 0.00 ? 15 DA  B N6     1 
ATOM   466 N N1     . DA  B 2 3  ? 3.500   8.785   6.698   1.00 0.00 ? 15 DA  B N1     1 
ATOM   467 C C2     . DA  B 2 3  ? 3.864   8.043   7.736   1.00 0.00 ? 15 DA  B C2     1 
ATOM   468 N N3     . DA  B 2 3  ? 4.962   7.306   7.863   1.00 0.00 ? 15 DA  B N3     1 
ATOM   469 C C4     . DA  B 2 3  ? 5.760   7.380   6.758   1.00 0.00 ? 15 DA  B C4     1 
ATOM   470 H "H5'"  . DA  B 2 3  ? 10.941  6.971   8.688   1.00 0.00 ? 15 DA  B "H5'"  1 
ATOM   471 H "H5''" . DA  B 2 3  ? 11.635  5.357   8.477   1.00 0.00 ? 15 DA  B "H5''" 1 
ATOM   472 H "H4'"  . DA  B 2 3  ? 9.532   5.159   9.698   1.00 0.00 ? 15 DA  B "H4'"  1 
ATOM   473 H "H3'"  . DA  B 2 3  ? 9.987   3.522   7.537   1.00 0.00 ? 15 DA  B "H3'"  1 
ATOM   474 H "H2'"  . DA  B 2 3  ? 8.971   5.039   5.946   1.00 0.00 ? 15 DA  B "H2'"  1 
ATOM   475 H "H2''" . DA  B 2 3  ? 7.659   3.890   6.274   1.00 0.00 ? 15 DA  B "H2''" 1 
ATOM   476 H "H1'"  . DA  B 2 3  ? 6.741   5.262   8.041   1.00 0.00 ? 15 DA  B "H1'"  1 
ATOM   477 H H8     . DA  B 2 3  ? 8.297   6.763   4.869   1.00 0.00 ? 15 DA  B H8     1 
ATOM   478 H H61    . DA  B 2 3  ? 3.014   10.062  4.733   1.00 0.00 ? 15 DA  B H61    1 
ATOM   479 H H62    . DA  B 2 3  ? 4.456   9.632   3.826   1.00 0.00 ? 15 DA  B H62    1 
ATOM   480 H H2     . DA  B 2 3  ? 3.182   8.033   8.578   1.00 0.00 ? 15 DA  B H2     1 
ATOM   481 P P      . DC  B 2 4  ? 8.540   2.216   9.656   1.00 0.00 ? 16 DC  B P      1 
ATOM   482 O OP1    . DC  B 2 4  ? 9.117   2.929   10.816  1.00 0.00 ? 16 DC  B OP1    1 
ATOM   483 O OP2    . DC  B 2 4  ? 9.279   1.111   9.015   1.00 0.00 ? 16 DC  B OP2    1 
ATOM   484 O "O5'"  . DC  B 2 4  ? 7.031   1.756   9.990   1.00 0.00 ? 16 DC  B "O5'"  1 
ATOM   485 C "C5'"  . DC  B 2 4  ? 6.121   2.615   10.675  1.00 0.00 ? 16 DC  B "C5'"  1 
ATOM   486 C "C4'"  . DC  B 2 4  ? 4.763   2.822   9.969   1.00 0.00 ? 16 DC  B "C4'"  1 
ATOM   487 O "O4'"  . DC  B 2 4  ? 4.777   3.795   8.929   1.00 0.00 ? 16 DC  B "O4'"  1 
ATOM   488 C "C3'"  . DC  B 2 4  ? 4.131   1.571   9.357   1.00 0.00 ? 16 DC  B "C3'"  1 
ATOM   489 O "O3'"  . DC  B 2 4  ? 3.262   0.960   10.292  1.00 0.00 ? 16 DC  B "O3'"  1 
ATOM   490 C "C2'"  . DC  B 2 4  ? 3.368   2.131   8.153   1.00 0.00 ? 16 DC  B "C2'"  1 
ATOM   491 C "C1'"  . DC  B 2 4  ? 3.557   3.643   8.218   1.00 0.00 ? 16 DC  B "C1'"  1 
ATOM   492 N N1     . DC  B 2 4  ? 3.602   4.256   6.859   1.00 0.00 ? 16 DC  B N1     1 
ATOM   493 C C2     . DC  B 2 4  ? 2.503   4.979   6.371   1.00 0.00 ? 16 DC  B C2     1 
ATOM   494 O O2     . DC  B 2 4  ? 1.456   5.100   7.005   1.00 0.00 ? 16 DC  B O2     1 
ATOM   495 N N3     . DC  B 2 4  ? 2.552   5.572   5.154   1.00 0.00 ? 16 DC  B N3     1 
ATOM   496 C C4     . DC  B 2 4  ? 3.622   5.407   4.410   1.00 0.00 ? 16 DC  B C4     1 
ATOM   497 N N4     . DC  B 2 4  ? 3.649   6.058   3.282   1.00 0.00 ? 16 DC  B N4     1 
ATOM   498 C C5     . DC  B 2 4  ? 4.746   4.630   4.818   1.00 0.00 ? 16 DC  B C5     1 
ATOM   499 C C6     . DC  B 2 4  ? 4.698   4.073   6.057   1.00 0.00 ? 16 DC  B C6     1 
ATOM   500 H "H5'"  . DC  B 2 4  ? 6.573   3.596   10.831  1.00 0.00 ? 16 DC  B "H5'"  1 
ATOM   501 H "H5''" . DC  B 2 4  ? 5.935   2.172   11.653  1.00 0.00 ? 16 DC  B "H5''" 1 
ATOM   502 H "H4'"  . DC  B 2 4  ? 4.071   3.178   10.731  1.00 0.00 ? 16 DC  B "H4'"  1 
ATOM   503 H "H3'"  . DC  B 2 4  ? 4.903   0.870   9.031   1.00 0.00 ? 16 DC  B "H3'"  1 
ATOM   504 H "H2'"  . DC  B 2 4  ? 3.805   1.714   7.249   1.00 0.00 ? 16 DC  B "H2'"  1 
ATOM   505 H "H2''" . DC  B 2 4  ? 2.307   1.903   8.200   1.00 0.00 ? 16 DC  B "H2''" 1 
ATOM   506 H "H1'"  . DC  B 2 4  ? 2.730   4.073   8.797   1.00 0.00 ? 16 DC  B "H1'"  1 
ATOM   507 H H41    . DC  B 2 4  ? 2.837   6.639   3.083   1.00 0.00 ? 16 DC  B H41    1 
ATOM   508 H H42    . DC  B 2 4  ? 4.469   6.056   2.717   1.00 0.00 ? 16 DC  B H42    1 
ATOM   509 H H5     . DC  B 2 4  ? 5.618   4.499   4.200   1.00 0.00 ? 16 DC  B H5     1 
ATOM   510 H H6     . DC  B 2 4  ? 5.521   3.484   6.452   1.00 0.00 ? 16 DC  B H6     1 
ATOM   511 P P      . DT  B 2 5  ? 2.478   -0.402  9.950   1.00 0.00 ? 17 DT  B P      1 
ATOM   512 O OP1    . DT  B 2 5  ? 2.328   -1.164  11.204  1.00 0.00 ? 17 DT  B OP1    1 
ATOM   513 O OP2    . DT  B 2 5  ? 3.083   -1.026  8.754   1.00 0.00 ? 17 DT  B OP2    1 
ATOM   514 O "O5'"  . DT  B 2 5  ? 1.047   0.167   9.513   1.00 0.00 ? 17 DT  B "O5'"  1 
ATOM   515 C "C5'"  . DT  B 2 5  ? 0.297   0.971   10.405  1.00 0.00 ? 17 DT  B "C5'"  1 
ATOM   516 C "C4'"  . DT  B 2 5  ? -0.938  1.560   9.722   1.00 0.00 ? 17 DT  B "C4'"  1 
ATOM   517 O "O4'"  . DT  B 2 5  ? -0.537  2.339   8.598   1.00 0.00 ? 17 DT  B "O4'"  1 
ATOM   518 C "C3'"  . DT  B 2 5  ? -1.929  0.492   9.250   1.00 0.00 ? 17 DT  B "C3'"  1 
ATOM   519 O "O3'"  . DT  B 2 5  ? -3.230  0.920   9.615   1.00 0.00 ? 17 DT  B "O3'"  1 
ATOM   520 C "C2'"  . DT  B 2 5  ? -1.709  0.494   7.739   1.00 0.00 ? 17 DT  B "C2'"  1 
ATOM   521 C "C1'"  . DT  B 2 5  ? -1.312  1.950   7.477   1.00 0.00 ? 17 DT  B "C1'"  1 
ATOM   522 N N1     . DT  B 2 5  ? -0.517  2.161   6.232   1.00 0.00 ? 17 DT  B N1     1 
ATOM   523 C C2     . DT  B 2 5  ? -0.986  3.088   5.292   1.00 0.00 ? 17 DT  B C2     1 
ATOM   524 O O2     . DT  B 2 5  ? -2.063  3.663   5.378   1.00 0.00 ? 17 DT  B O2     1 
ATOM   525 N N3     . DT  B 2 5  ? -0.190  3.330   4.196   1.00 0.00 ? 17 DT  B N3     1 
ATOM   526 C C4     . DT  B 2 5  ? 1.009   2.710   3.925   1.00 0.00 ? 17 DT  B C4     1 
ATOM   527 O O4     . DT  B 2 5  ? 1.645   3.045   2.930   1.00 0.00 ? 17 DT  B O4     1 
ATOM   528 C C5     . DT  B 2 5  ? 1.401   1.684   4.894   1.00 0.00 ? 17 DT  B C5     1 
ATOM   529 C C7     . DT  B 2 5  ? 2.658   0.860   4.672   1.00 0.00 ? 17 DT  B C7     1 
ATOM   530 C C6     . DT  B 2 5  ? 0.655   1.462   6.009   1.00 0.00 ? 17 DT  B C6     1 
ATOM   531 H "H5'"  . DT  B 2 5  ? 0.917   1.794   10.758  1.00 0.00 ? 17 DT  B "H5'"  1 
ATOM   532 H "H5''" . DT  B 2 5  ? -0.006  0.367   11.261  1.00 0.00 ? 17 DT  B "H5''" 1 
ATOM   533 H "H4'"  . DT  B 2 5  ? -1.447  2.206   10.440  1.00 0.00 ? 17 DT  B "H4'"  1 
ATOM   534 H "H3'"  . DT  B 2 5  ? -1.698  -0.483  9.690   1.00 0.00 ? 17 DT  B "H3'"  1 
ATOM   535 H "H2'"  . DT  B 2 5  ? -0.896  -0.192  7.503   1.00 0.00 ? 17 DT  B "H2'"  1 
ATOM   536 H "H2''" . DT  B 2 5  ? -2.611  0.217   7.198   1.00 0.00 ? 17 DT  B "H2''" 1 
ATOM   537 H "H1'"  . DT  B 2 5  ? -2.228  2.550   7.457   1.00 0.00 ? 17 DT  B "H1'"  1 
ATOM   538 H H3     . DT  B 2 5  ? -0.549  3.975   3.504   1.00 0.00 ? 17 DT  B H3     1 
ATOM   539 H H71    . DT  B 2 5  ? 2.997   0.404   5.603   1.00 0.00 ? 17 DT  B H71    1 
ATOM   540 H H72    . DT  B 2 5  ? 2.443   0.072   3.950   1.00 0.00 ? 17 DT  B H72    1 
ATOM   541 H H73    . DT  B 2 5  ? 3.446   1.494   4.265   1.00 0.00 ? 17 DT  B H73    1 
ATOM   542 H H6     . DT  B 2 5  ? 0.979   0.736   6.748   1.00 0.00 ? 17 DT  B H6     1 
ATOM   543 P P      . DC  B 2 6  ? -4.480  -0.092  9.687   1.00 0.00 ? 18 DC  B P      1 
ATOM   544 O OP1    . DC  B 2 6  ? -5.526  0.532   10.523  1.00 0.00 ? 18 DC  B OP1    1 
ATOM   545 O OP2    . DC  B 2 6  ? -3.978  -1.443  10.012  1.00 0.00 ? 18 DC  B OP2    1 
ATOM   546 O "O5'"  . DC  B 2 6  ? -4.959  -0.058  8.155   1.00 0.00 ? 18 DC  B "O5'"  1 
ATOM   547 C "C5'"  . DC  B 2 6  ? -5.635  1.081   7.646   1.00 0.00 ? 18 DC  B "C5'"  1 
ATOM   548 C "C4'"  . DC  B 2 6  ? -5.864  1.031   6.130   1.00 0.00 ? 18 DC  B "C4'"  1 
ATOM   549 O "O4'"  . DC  B 2 6  ? -4.665  1.253   5.404   1.00 0.00 ? 18 DC  B "O4'"  1 
ATOM   550 C "C3'"  . DC  B 2 6  ? -6.478  -0.277  5.614   1.00 0.00 ? 18 DC  B "C3'"  1 
ATOM   551 O "O3'"  . DC  B 2 6  ? -7.887  -0.113  5.482   1.00 0.00 ? 18 DC  B "O3'"  1 
ATOM   552 C "C2'"  . DC  B 2 6  ? -5.737  -0.485  4.283   1.00 0.00 ? 18 DC  B "C2'"  1 
ATOM   553 C "C1'"  . DC  B 2 6  ? -4.862  0.762   4.095   1.00 0.00 ? 18 DC  B "C1'"  1 
ATOM   554 N N1     . DC  B 2 6  ? -3.531  0.494   3.477   1.00 0.00 ? 18 DC  B N1     1 
ATOM   555 C C2     . DC  B 2 6  ? -3.183  1.110   2.266   1.00 0.00 ? 18 DC  B C2     1 
ATOM   556 O O2     . DC  B 2 6  ? -3.992  1.759   1.605   1.00 0.00 ? 18 DC  B O2     1 
ATOM   557 N N3     . DC  B 2 6  ? -1.922  1.026   1.781   1.00 0.00 ? 18 DC  B N3     1 
ATOM   558 C C4     . DC  B 2 6  ? -1.043  0.310   2.444   1.00 0.00 ? 18 DC  B C4     1 
ATOM   559 N N4     . DC  B 2 6  ? 0.171   0.307   1.991   1.00 0.00 ? 18 DC  B N4     1 
ATOM   560 C C5     . DC  B 2 6  ? -1.333  -0.362  3.665   1.00 0.00 ? 18 DC  B C5     1 
ATOM   561 C C6     . DC  B 2 6  ? -2.593  -0.252  4.149   1.00 0.00 ? 18 DC  B C6     1 
ATOM   562 H "H5'"  . DC  B 2 6  ? -5.060  1.978   7.882   1.00 0.00 ? 18 DC  B "H5'"  1 
ATOM   563 H "H5''" . DC  B 2 6  ? -6.604  1.158   8.143   1.00 0.00 ? 18 DC  B "H5''" 1 
ATOM   564 H "H4'"  . DC  B 2 6  ? -6.553  1.838   5.880   1.00 0.00 ? 18 DC  B "H4'"  1 
ATOM   565 H "H3'"  . DC  B 2 6  ? -6.253  -1.097  6.299   1.00 0.00 ? 18 DC  B "H3'"  1 
ATOM   566 H "H2'"  . DC  B 2 6  ? -5.123  -1.382  4.359   1.00 0.00 ? 18 DC  B "H2'"  1 
ATOM   567 H "H2''" . DC  B 2 6  ? -6.421  -0.578  3.444   1.00 0.00 ? 18 DC  B "H2''" 1 
ATOM   568 H "H1'"  . DC  B 2 6  ? -5.412  1.499   3.501   1.00 0.00 ? 18 DC  B "H1'"  1 
ATOM   569 H H41    . DC  B 2 6  ? 0.351   0.858   1.153   1.00 0.00 ? 18 DC  B H41    1 
ATOM   570 H H42    . DC  B 2 6  ? 0.875   -0.239  2.434   1.00 0.00 ? 18 DC  B H42    1 
ATOM   571 H H5     . DC  B 2 6  ? -0.594  -0.928  4.203   1.00 0.00 ? 18 DC  B H5     1 
ATOM   572 H H6     . DC  B 2 6  ? -2.880  -0.718  5.087   1.00 0.00 ? 18 DC  B H6     1 
HETATM 573 O OP1    . 2EG B 2 7  ? -10.243 -0.988  5.526   1.00 0.00 ? 19 2EG B OP1    1 
HETATM 574 P P      . 2EG B 2 7  ? -8.872  -1.332  5.101   1.00 0.00 ? 19 2EG B P      1 
HETATM 575 O OP2    . 2EG B 2 7  ? -8.256  -2.613  5.502   1.00 0.00 ? 19 2EG B OP2    1 
HETATM 576 O "O5'"  . 2EG B 2 7  ? -8.826  -1.247  3.505   1.00 0.00 ? 19 2EG B "O5'"  1 
HETATM 577 C "C5'"  . 2EG B 2 7  ? -9.316  -0.102  2.828   1.00 0.00 ? 19 2EG B "C5'"  1 
HETATM 578 C "C4'"  . 2EG B 2 7  ? -9.032  -0.186  1.328   1.00 0.00 ? 19 2EG B "C4'"  1 
HETATM 579 O "O4'"  . 2EG B 2 7  ? -7.633  -0.022  1.095   1.00 0.00 ? 19 2EG B "O4'"  1 
HETATM 580 C "C3'"  . 2EG B 2 7  ? -9.482  -1.519  0.708   1.00 0.00 ? 19 2EG B "C3'"  1 
HETATM 581 O "O3'"  . 2EG B 2 7  ? -10.156 -1.221  -0.503  1.00 0.00 ? 19 2EG B "O3'"  1 
HETATM 582 C "C2'"  . 2EG B 2 7  ? -8.143  -2.220  0.514   1.00 0.00 ? 19 2EG B "C2'"  1 
HETATM 583 C "C1'"  . 2EG B 2 7  ? -7.204  -1.050  0.222   1.00 0.00 ? 19 2EG B "C1'"  1 
HETATM 584 N N9     . 2EG B 2 7  ? -5.767  -1.361  0.433   1.00 0.00 ? 19 2EG B N9     1 
HETATM 585 C C4     . 2EG B 2 7  ? -4.734  -0.939  -0.369  1.00 0.00 ? 19 2EG B C4     1 
HETATM 586 N N3     . 2EG B 2 7  ? -4.842  -0.116  -1.448  1.00 0.00 ? 19 2EG B N3     1 
HETATM 587 C C8     . 2EG B 2 7  ? -5.181  -2.177  1.371   1.00 0.00 ? 19 2EG B C8     1 
HETATM 588 N N7     . 2EG B 2 7  ? -3.892  -2.334  1.223   1.00 0.00 ? 19 2EG B N7     1 
HETATM 589 C C5     . 2EG B 2 7  ? -3.586  -1.526  0.114   1.00 0.00 ? 19 2EG B C5     1 
HETATM 590 C C6     . 2EG B 2 7  ? -2.340  -1.225  -0.553  1.00 0.00 ? 19 2EG B C6     1 
HETATM 591 O O6     . 2EG B 2 7  ? -1.194  -1.591  -0.277  1.00 0.00 ? 19 2EG B O6     1 
HETATM 592 N N1     . 2EG B 2 7  ? -2.488  -0.394  -1.648  1.00 0.00 ? 19 2EG B N1     1 
HETATM 593 C C2     . 2EG B 2 7  ? -3.679  0.120   -2.074  1.00 0.00 ? 19 2EG B C2     1 
HETATM 594 N N2     . 2EG B 2 7  ? -3.651  0.901   -3.154  1.00 0.00 ? 19 2EG B N2     1 
HETATM 595 C C21    . 2EG B 2 7  ? -4.805  1.635   -3.712  1.00 0.00 ? 19 2EG B C21    1 
HETATM 596 C C22    . 2EG B 2 7  ? -4.857  3.100   -3.239  1.00 0.00 ? 19 2EG B C22    1 
HETATM 597 H "H5'"  . 2EG B 2 7  ? -8.836  0.794   3.226   1.00 0.00 ? 19 2EG B "H5'"  1 
HETATM 598 H "H5''" . 2EG B 2 7  ? -10.391 -0.024  2.989   1.00 0.00 ? 19 2EG B "H5''" 1 
HETATM 599 H "H4'"  . 2EG B 2 7  ? -9.564  0.626   0.831   1.00 0.00 ? 19 2EG B "H4'"  1 
HETATM 600 H "H3'"  . 2EG B 2 7  ? -10.131 -2.082  1.381   1.00 0.00 ? 19 2EG B "H3'"  1 
HETATM 601 H "H2'"  . 2EG B 2 7  ? -7.875  -2.707  1.451   1.00 0.00 ? 19 2EG B "H2'"  1 
HETATM 602 H "H2''" . 2EG B 2 7  ? -8.165  -2.943  -0.295  1.00 0.00 ? 19 2EG B "H2''" 1 
HETATM 603 H "H1'"  . 2EG B 2 7  ? -7.353  -0.726  -0.811  1.00 0.00 ? 19 2EG B "H1'"  1 
HETATM 604 H H8     . 2EG B 2 7  ? -5.745  -2.639  2.171   1.00 0.00 ? 19 2EG B H8     1 
HETATM 605 H H1     . 2EG B 2 7  ? -1.635  -0.141  -2.129  1.00 0.00 ? 19 2EG B H1     1 
HETATM 606 H H21    . 2EG B 2 7  ? -2.745  1.055   -3.592  1.00 0.00 ? 19 2EG B H21    1 
HETATM 607 H H211   . 2EG B 2 7  ? -5.737  1.134   -3.443  1.00 0.00 ? 19 2EG B H211   1 
HETATM 608 H H221   . 2EG B 2 7  ? -5.766  3.525   -3.662  1.00 0.00 ? 19 2EG B H221   1 
HETATM 609 H H222   . 2EG B 2 7  ? -4.030  3.646   -3.685  1.00 0.00 ? 19 2EG B H222   1 
HETATM 610 H H223   . 2EG B 2 7  ? -4.738  1.621   -4.801  1.00 0.00 ? 19 2EG B H223   1 
ATOM   611 P P      . DC  B 2 8  ? -10.893 -2.308  -1.436  1.00 0.00 ? 20 DC  B P      1 
ATOM   612 O OP1    . DC  B 2 8  ? -12.329 -1.958  -1.541  1.00 0.00 ? 20 DC  B OP1    1 
ATOM   613 O OP2    . DC  B 2 8  ? -10.474 -3.672  -1.051  1.00 0.00 ? 20 DC  B OP2    1 
ATOM   614 O "O5'"  . DC  B 2 8  ? -10.158 -1.951  -2.821  1.00 0.00 ? 20 DC  B "O5'"  1 
ATOM   615 C "C5'"  . DC  B 2 8  ? -10.258 -0.646  -3.388  1.00 0.00 ? 20 DC  B "C5'"  1 
ATOM   616 C "C4'"  . DC  B 2 8  ? -9.299  -0.443  -4.569  1.00 0.00 ? 20 DC  B "C4'"  1 
ATOM   617 O "O4'"  . DC  B 2 8  ? -7.960  -0.489  -4.088  1.00 0.00 ? 20 DC  B "O4'"  1 
ATOM   618 C "C3'"  . DC  B 2 8  ? -9.481  -1.521  -5.649  1.00 0.00 ? 20 DC  B "C3'"  1 
ATOM   619 O "O3'"  . DC  B 2 8  ? -9.894  -1.078  -6.944  1.00 0.00 ? 20 DC  B "O3'"  1 
ATOM   620 C "C2'"  . DC  B 2 8  ? -8.162  -2.281  -5.626  1.00 0.00 ? 20 DC  B "C2'"  1 
ATOM   621 C "C1'"  . DC  B 2 8  ? -7.182  -1.374  -4.875  1.00 0.00 ? 20 DC  B "C1'"  1 
ATOM   622 N N1     . DC  B 2 8  ? -6.297  -2.160  -3.965  1.00 0.00 ? 20 DC  B N1     1 
ATOM   623 C C2     . DC  B 2 8  ? -4.919  -2.218  -4.211  1.00 0.00 ? 20 DC  B C2     1 
ATOM   624 O O2     . DC  B 2 8  ? -4.393  -1.646  -5.160  1.00 0.00 ? 20 DC  B O2     1 
ATOM   625 N N3     . DC  B 2 8  ? -4.104  -2.951  -3.419  1.00 0.00 ? 20 DC  B N3     1 
ATOM   626 C C4     . DC  B 2 8  ? -4.633  -3.602  -2.412  1.00 0.00 ? 20 DC  B C4     1 
ATOM   627 N N4     . DC  B 2 8  ? -3.800  -4.240  -1.647  1.00 0.00 ? 20 DC  B N4     1 
ATOM   628 C C5     . DC  B 2 8  ? -6.023  -3.627  -2.125  1.00 0.00 ? 20 DC  B C5     1 
ATOM   629 C C6     . DC  B 2 8  ? -6.829  -2.877  -2.919  1.00 0.00 ? 20 DC  B C6     1 
ATOM   630 H "H5'"  . DC  B 2 8  ? -10.021 0.102   -2.630  1.00 0.00 ? 20 DC  B "H5'"  1 
ATOM   631 H "H5''" . DC  B 2 8  ? -11.281 -0.482  -3.725  1.00 0.00 ? 20 DC  B "H5''" 1 
ATOM   632 H "H4'"  . DC  B 2 8  ? -9.486  0.538   -5.000  1.00 0.00 ? 20 DC  B "H4'"  1 
ATOM   633 H "H3'"  . DC  B 2 8  ? -10.256 -2.208  -5.308  1.00 0.00 ? 20 DC  B "H3'"  1 
ATOM   634 H "H2'"  . DC  B 2 8  ? -8.320  -3.211  -5.086  1.00 0.00 ? 20 DC  B "H2'"  1 
ATOM   635 H "H2''" . DC  B 2 8  ? -7.798  -2.495  -6.626  1.00 0.00 ? 20 DC  B "H2''" 1 
ATOM   636 H "H1'"  . DC  B 2 8  ? -6.597  -0.798  -5.605  1.00 0.00 ? 20 DC  B "H1'"  1 
ATOM   637 H H41    . DC  B 2 8  ? -2.812  -4.127  -1.862  1.00 0.00 ? 20 DC  B H41    1 
ATOM   638 H H42    . DC  B 2 8  ? -4.120  -4.685  -0.814  1.00 0.00 ? 20 DC  B H42    1 
ATOM   639 H H5     . DC  B 2 8  ? -6.442  -4.191  -1.309  1.00 0.00 ? 20 DC  B H5     1 
ATOM   640 H H6     . DC  B 2 8  ? -7.899  -2.823  -2.735  1.00 0.00 ? 20 DC  B H6     1 
ATOM   641 P P      . DT  B 2 9  ? -9.100  -0.055  -7.915  1.00 0.00 ? 21 DT  B P      1 
ATOM   642 O OP1    . DT  B 2 9  ? -8.517  1.028   -7.099  1.00 0.00 ? 21 DT  B OP1    1 
ATOM   643 O OP2    . DT  B 2 9  ? -9.990  0.282   -9.042  1.00 0.00 ? 21 DT  B OP2    1 
ATOM   644 O "O5'"  . DT  B 2 9  ? -7.893  -0.944  -8.500  1.00 0.00 ? 21 DT  B "O5'"  1 
ATOM   645 C "C5'"  . DT  B 2 9  ? -6.702  -0.333  -8.969  1.00 0.00 ? 21 DT  B "C5'"  1 
ATOM   646 C "C4'"  . DT  B 2 9  ? -5.596  -1.353  -9.272  1.00 0.00 ? 21 DT  B "C4'"  1 
ATOM   647 O "O4'"  . DT  B 2 9  ? -5.235  -2.028  -8.071  1.00 0.00 ? 21 DT  B "O4'"  1 
ATOM   648 C "C3'"  . DT  B 2 9  ? -5.954  -2.425  -10.323 1.00 0.00 ? 21 DT  B "C3'"  1 
ATOM   649 O "O3'"  . DT  B 2 9  ? -4.868  -2.548  -11.241 1.00 0.00 ? 21 DT  B "O3'"  1 
ATOM   650 C "C2'"  . DT  B 2 9  ? -6.087  -3.661  -9.431  1.00 0.00 ? 21 DT  B "C2'"  1 
ATOM   651 C "C1'"  . DT  B 2 9  ? -4.985  -3.370  -8.419  1.00 0.00 ? 21 DT  B "C1'"  1 
ATOM   652 N N1     . DT  B 2 9  ? -4.926  -4.260  -7.225  1.00 0.00 ? 21 DT  B N1     1 
ATOM   653 C C2     . DT  B 2 9  ? -3.652  -4.630  -6.777  1.00 0.00 ? 21 DT  B C2     1 
ATOM   654 O O2     . DT  B 2 9  ? -2.614  -4.337  -7.357  1.00 0.00 ? 21 DT  B O2     1 
ATOM   655 N N3     . DT  B 2 9  ? -3.584  -5.417  -5.658  1.00 0.00 ? 21 DT  B N3     1 
ATOM   656 C C4     . DT  B 2 9  ? -4.654  -5.983  -5.012  1.00 0.00 ? 21 DT  B C4     1 
ATOM   657 O O4     . DT  B 2 9  ? -4.451  -6.742  -4.066  1.00 0.00 ? 21 DT  B O4     1 
ATOM   658 C C5     . DT  B 2 9  ? -5.961  -5.612  -5.553  1.00 0.00 ? 21 DT  B C5     1 
ATOM   659 C C7     . DT  B 2 9  ? -7.231  -6.157  -4.920  1.00 0.00 ? 21 DT  B C7     1 
ATOM   660 C C6     . DT  B 2 9  ? -6.058  -4.770  -6.616  1.00 0.00 ? 21 DT  B C6     1 
ATOM   661 H "H5'"  . DT  B 2 9  ? -6.331  0.358   -8.212  1.00 0.00 ? 21 DT  B "H5'"  1 
ATOM   662 H "H5''" . DT  B 2 9  ? -6.927  0.234   -9.872  1.00 0.00 ? 21 DT  B "H5''" 1 
ATOM   663 H "H4'"  . DT  B 2 9  ? -4.724  -0.806  -9.634  1.00 0.00 ? 21 DT  B "H4'"  1 
ATOM   664 H "H3'"  . DT  B 2 9  ? -6.888  -2.190  -10.839 1.00 0.00 ? 21 DT  B "H3'"  1 
ATOM   665 H "H2'"  . DT  B 2 9  ? -7.072  -3.649  -8.967  1.00 0.00 ? 21 DT  B "H2'"  1 
ATOM   666 H "H2''" . DT  B 2 9  ? -5.915  -4.597  -9.954  1.00 0.00 ? 21 DT  B "H2''" 1 
ATOM   667 H "H1'"  . DT  B 2 9  ? -4.025  -3.414  -8.947  1.00 0.00 ? 21 DT  B "H1'"  1 
ATOM   668 H H3     . DT  B 2 9  ? -2.652  -5.683  -5.377  1.00 0.00 ? 21 DT  B H3     1 
ATOM   669 H H71    . DT  B 2 9  ? -7.119  -6.162  -3.835  1.00 0.00 ? 21 DT  B H71    1 
ATOM   670 H H72    . DT  B 2 9  ? -8.092  -5.545  -5.182  1.00 0.00 ? 21 DT  B H72    1 
ATOM   671 H H73    . DT  B 2 9  ? -7.388  -7.181  -5.257  1.00 0.00 ? 21 DT  B H73    1 
ATOM   672 H H6     . DT  B 2 9  ? -7.029  -4.510  -7.001  1.00 0.00 ? 21 DT  B H6     1 
ATOM   673 P P      . DA  B 2 10 ? -4.971  -3.404  -12.615 1.00 0.00 ? 22 DA  B P      1 
ATOM   674 O OP1    . DA  B 2 10 ? -5.451  -2.496  -13.671 1.00 0.00 ? 22 DA  B OP1    1 
ATOM   675 O OP2    . DA  B 2 10 ? -5.708  -4.654  -12.337 1.00 0.00 ? 22 DA  B OP2    1 
ATOM   676 O "O5'"  . DA  B 2 10 ? -3.440  -3.815  -12.927 1.00 0.00 ? 22 DA  B "O5'"  1 
ATOM   677 C "C5'"  . DA  B 2 10 ? -2.564  -4.228  -11.887 1.00 0.00 ? 22 DA  B "C5'"  1 
ATOM   678 C "C4'"  . DA  B 2 10 ? -1.635  -5.424  -12.199 1.00 0.00 ? 22 DA  B "C4'"  1 
ATOM   679 O "O4'"  . DA  B 2 10 ? -1.377  -5.964  -10.905 1.00 0.00 ? 22 DA  B "O4'"  1 
ATOM   680 C "C3'"  . DA  B 2 10 ? -2.256  -6.588  -13.004 1.00 0.00 ? 22 DA  B "C3'"  1 
ATOM   681 O "O3'"  . DA  B 2 10 ? -1.330  -7.604  -13.382 1.00 0.00 ? 22 DA  B "O3'"  1 
ATOM   682 C "C2'"  . DA  B 2 10 ? -3.090  -7.241  -11.919 1.00 0.00 ? 22 DA  B "C2'"  1 
ATOM   683 C "C1'"  . DA  B 2 10 ? -2.058  -7.203  -10.788 1.00 0.00 ? 22 DA  B "C1'"  1 
ATOM   684 N N9     . DA  B 2 10 ? -2.651  -7.419  -9.452  1.00 0.00 ? 22 DA  B N9     1 
ATOM   685 C C8     . DA  B 2 10 ? -3.943  -7.204  -9.025  1.00 0.00 ? 22 DA  B C8     1 
ATOM   686 N N7     . DA  B 2 10 ? -4.212  -7.689  -7.839  1.00 0.00 ? 22 DA  B N7     1 
ATOM   687 C C5     . DA  B 2 10 ? -2.980  -8.250  -7.457  1.00 0.00 ? 22 DA  B C5     1 
ATOM   688 C C6     . DA  B 2 10 ? -2.507  -8.947  -6.321  1.00 0.00 ? 22 DA  B C6     1 
ATOM   689 N N6     . DA  B 2 10 ? -3.232  -9.203  -5.251  1.00 0.00 ? 22 DA  B N6     1 
ATOM   690 N N1     . DA  B 2 10 ? -1.254  -9.392  -6.241  1.00 0.00 ? 22 DA  B N1     1 
ATOM   691 C C2     . DA  B 2 10 ? -0.443  -9.146  -7.264  1.00 0.00 ? 22 DA  B C2     1 
ATOM   692 N N3     . DA  B 2 10 ? -0.744  -8.522  -8.394  1.00 0.00 ? 22 DA  B N3     1 
ATOM   693 C C4     . DA  B 2 10 ? -2.031  -8.083  -8.423  1.00 0.00 ? 22 DA  B C4     1 
ATOM   694 H "H5'"  . DA  B 2 10 ? -3.170  -4.501  -11.021 1.00 0.00 ? 22 DA  B "H5'"  1 
ATOM   695 H "H5''" . DA  B 2 10 ? -1.949  -3.380  -11.588 1.00 0.00 ? 22 DA  B "H5''" 1 
ATOM   696 H "H4'"  . DA  B 2 10 ? -0.720  -5.078  -12.683 1.00 0.00 ? 22 DA  B "H4'"  1 
ATOM   697 H "H3'"  . DA  B 2 10 ? -2.860  -6.244  -13.846 1.00 0.00 ? 22 DA  B "H3'"  1 
ATOM   698 H "H2'"  . DA  B 2 10 ? -3.964  -6.626  -11.712 1.00 0.00 ? 22 DA  B "H2'"  1 
ATOM   699 H "H2''" . DA  B 2 10 ? -3.377  -8.258  -12.178 1.00 0.00 ? 22 DA  B "H2''" 1 
ATOM   700 H "H1'"  . DA  B 2 10 ? -1.313  -7.986  -10.965 1.00 0.00 ? 22 DA  B "H1'"  1 
ATOM   701 H H8     . DA  B 2 10 ? -4.673  -6.684  -9.631  1.00 0.00 ? 22 DA  B H8     1 
ATOM   702 H H61    . DA  B 2 10 ? -2.802  -9.649  -4.452  1.00 0.00 ? 22 DA  B H61    1 
ATOM   703 H H62    . DA  B 2 10 ? -4.128  -8.750  -5.178  1.00 0.00 ? 22 DA  B H62    1 
ATOM   704 H H2     . DA  B 2 10 ? 0.569   -9.515  -7.177  1.00 0.00 ? 22 DA  B H2     1 
ATOM   705 P P      . DG  B 2 11 ? -0.397  -7.517  -14.673 1.00 0.00 ? 23 DG  B P      1 
ATOM   706 O OP1    . DG  B 2 11 ? 0.423   -6.291  -14.606 1.00 0.00 ? 23 DG  B OP1    1 
ATOM   707 O OP2    . DG  B 2 11 ? -1.237  -7.796  -15.856 1.00 0.00 ? 23 DG  B OP2    1 
ATOM   708 O "O5'"  . DG  B 2 11 ? 0.546   -8.798  -14.392 1.00 0.00 ? 23 DG  B "O5'"  1 
ATOM   709 C "C5'"  . DG  B 2 11 ? 1.698   -8.715  -13.554 1.00 0.00 ? 23 DG  B "C5'"  1 
ATOM   710 C "C4'"  . DG  B 2 11 ? 2.030   -10.019 -12.795 1.00 0.00 ? 23 DG  B "C4'"  1 
ATOM   711 O "O4'"  . DG  B 2 11 ? 1.246   -10.039 -11.607 1.00 0.00 ? 23 DG  B "O4'"  1 
ATOM   712 C "C3'"  . DG  B 2 11 ? 1.733   -11.335 -13.555 1.00 0.00 ? 23 DG  B "C3'"  1 
ATOM   713 O "O3'"  . DG  B 2 11 ? 2.817   -12.183 -13.970 1.00 0.00 ? 23 DG  B "O3'"  1 
ATOM   714 C "C2'"  . DG  B 2 11 ? 0.738   -12.050 -12.640 1.00 0.00 ? 23 DG  B "C2'"  1 
ATOM   715 C "C1'"  . DG  B 2 11 ? 0.904   -11.367 -11.280 1.00 0.00 ? 23 DG  B "C1'"  1 
ATOM   716 N N9     . DG  B 2 11 ? -0.361  -11.353 -10.497 1.00 0.00 ? 23 DG  B N9     1 
ATOM   717 C C8     . DG  B 2 11 ? -1.566  -10.790 -10.846 1.00 0.00 ? 23 DG  B C8     1 
ATOM   718 N N7     . DG  B 2 11 ? -2.534  -11.000 -9.990  1.00 0.00 ? 23 DG  B N7     1 
ATOM   719 C C5     . DG  B 2 11 ? -1.905  -11.702 -8.951  1.00 0.00 ? 23 DG  B C5     1 
ATOM   720 C C6     . DG  B 2 11 ? -2.395  -12.202 -7.686  1.00 0.00 ? 23 DG  B C6     1 
ATOM   721 O O6     . DG  B 2 11 ? -3.516  -12.130 -7.182  1.00 0.00 ? 23 DG  B O6     1 
ATOM   722 N N1     . DG  B 2 11 ? -1.443  -12.877 -6.954  1.00 0.00 ? 23 DG  B N1     1 
ATOM   723 C C2     . DG  B 2 11 ? -0.166  -13.051 -7.359  1.00 0.00 ? 23 DG  B C2     1 
ATOM   724 N N2     . DG  B 2 11 ? 0.617   -13.729 -6.570  1.00 0.00 ? 23 DG  B N2     1 
ATOM   725 N N3     . DG  B 2 11 ? 0.327   -12.640 -8.522  1.00 0.00 ? 23 DG  B N3     1 
ATOM   726 C C4     . DG  B 2 11 ? -0.582  -11.942 -9.268  1.00 0.00 ? 23 DG  B C4     1 
ATOM   727 H "H5'"  . DG  B 2 11 ? 1.549   -7.929  -12.808 1.00 0.00 ? 23 DG  B "H5'"  1 
ATOM   728 H "H5''" . DG  B 2 11 ? 2.552   -8.433  -14.168 1.00 0.00 ? 23 DG  B "H5''" 1 
ATOM   729 H "H4'"  . DG  B 2 11 ? 3.078   -9.982  -12.509 1.00 0.00 ? 23 DG  B "H4'"  1 
ATOM   730 H "H3'"  . DG  B 2 11 ? 1.198   -11.078 -14.469 1.00 0.00 ? 23 DG  B "H3'"  1 
ATOM   731 H "H2'"  . DG  B 2 11 ? -0.264  -11.869 -13.028 1.00 0.00 ? 23 DG  B "H2'"  1 
ATOM   732 H "H2''" . DG  B 2 11 ? 0.933   -13.117 -12.580 1.00 0.00 ? 23 DG  B "H2''" 1 
ATOM   733 H "H1'"  . DG  B 2 11 ? 1.715   -11.837 -10.712 1.00 0.00 ? 23 DG  B "H1'"  1 
ATOM   734 H H8     . DG  B 2 11 ? -1.685  -10.223 -11.764 1.00 0.00 ? 23 DG  B H8     1 
ATOM   735 H H1     . DG  B 2 11 ? -1.711  -13.192 -6.035  1.00 0.00 ? 23 DG  B H1     1 
ATOM   736 H H21    . DG  B 2 11 ? 0.305   -13.979 -5.632  1.00 0.00 ? 23 DG  B H21    1 
ATOM   737 H H22    . DG  B 2 11 ? 1.594   -13.626 -6.766  1.00 0.00 ? 23 DG  B H22    1 
ATOM   738 P P      . DC  B 2 12 ? 4.028   -12.766 -13.064 1.00 0.00 ? 24 DC  B P      1 
ATOM   739 O OP1    . DC  B 2 12 ? 4.625   -11.681 -12.273 1.00 0.00 ? 24 DC  B OP1    1 
ATOM   740 O OP2    . DC  B 2 12 ? 4.885   -13.568 -13.966 1.00 0.00 ? 24 DC  B OP2    1 
ATOM   741 O "O5'"  . DC  B 2 12 ? 3.355   -13.806 -12.038 1.00 0.00 ? 24 DC  B "O5'"  1 
ATOM   742 C "C5'"  . DC  B 2 12 ? 3.017   -15.114 -12.451 1.00 0.00 ? 24 DC  B "C5'"  1 
ATOM   743 C "C4'"  . DC  B 2 12 ? 2.425   -15.913 -11.289 1.00 0.00 ? 24 DC  B "C4'"  1 
ATOM   744 O "O4'"  . DC  B 2 12 ? 1.353   -15.229 -10.682 1.00 0.00 ? 24 DC  B "O4'"  1 
ATOM   745 C "C3'"  . DC  B 2 12 ? 1.794   -17.221 -11.778 1.00 0.00 ? 24 DC  B "C3'"  1 
ATOM   746 O "O3'"  . DC  B 2 12 ? 2.714   -18.296 -11.837 1.00 0.00 ? 24 DC  B "O3'"  1 
ATOM   747 C "C2'"  . DC  B 2 12 ? 0.704   -17.492 -10.743 1.00 0.00 ? 24 DC  B "C2'"  1 
ATOM   748 C "C1'"  . DC  B 2 12 ? 0.563   -16.164 -9.983  1.00 0.00 ? 24 DC  B "C1'"  1 
ATOM   749 N N1     . DC  B 2 12 ? -0.841  -15.681 -9.925  1.00 0.00 ? 24 DC  B N1     1 
ATOM   750 C C2     . DC  B 2 12 ? -1.652  -16.131 -8.882  1.00 0.00 ? 24 DC  B C2     1 
ATOM   751 O O2     . DC  B 2 12 ? -1.246  -16.956 -8.063  1.00 0.00 ? 24 DC  B O2     1 
ATOM   752 N N3     . DC  B 2 12 ? -2.913  -15.670 -8.739  1.00 0.00 ? 24 DC  B N3     1 
ATOM   753 C C4     . DC  B 2 12 ? -3.355  -14.780 -9.605  1.00 0.00 ? 24 DC  B C4     1 
ATOM   754 N N4     . DC  B 2 12 ? -4.534  -14.281 -9.389  1.00 0.00 ? 24 DC  B N4     1 
ATOM   755 C C5     . DC  B 2 12 ? -2.595  -14.306 -10.706 1.00 0.00 ? 24 DC  B C5     1 
ATOM   756 C C6     . DC  B 2 12 ? -1.329  -14.777 -10.834 1.00 0.00 ? 24 DC  B C6     1 
ATOM   757 H "H5'"  . DC  B 2 12 ? 3.919   -15.618 -12.803 1.00 0.00 ? 24 DC  B "H5'"  1 
ATOM   758 H "H5''" . DC  B 2 12 ? 2.301   -15.053 -13.271 1.00 0.00 ? 24 DC  B "H5''" 1 
ATOM   759 H "H4'"  . DC  B 2 12 ? 3.195   -16.116 -10.543 1.00 0.00 ? 24 DC  B "H4'"  1 
ATOM   760 H "H3'"  . DC  B 2 12 ? 1.325   -17.049 -12.750 1.00 0.00 ? 24 DC  B "H3'"  1 
ATOM   761 H "HO3'" . DC  B 2 12 ? 3.422   -18.057 -12.445 1.00 0.00 ? 24 DC  B "HO3'" 1 
ATOM   762 H "H2'"  . DC  B 2 12 ? -0.225  -17.771 -11.245 1.00 0.00 ? 24 DC  B "H2'"  1 
ATOM   763 H "H2''" . DC  B 2 12 ? 1.005   -18.280 -10.050 1.00 0.00 ? 24 DC  B "H2''" 1 
ATOM   764 H "H1'"  . DC  B 2 12 ? 0.949   -16.278 -8.963  1.00 0.00 ? 24 DC  B "H1'"  1 
ATOM   765 H H41    . DC  B 2 12 ? -4.984  -14.567 -8.523  1.00 0.00 ? 24 DC  B H41    1 
ATOM   766 H H42    . DC  B 2 12 ? -4.754  -13.405 -9.823  1.00 0.00 ? 24 DC  B H42    1 
ATOM   767 H H5     . DC  B 2 12 ? -2.969  -13.564 -11.394 1.00 0.00 ? 24 DC  B H5     1 
ATOM   768 H H6     . DC  B 2 12 ? -0.683  -14.412 -11.622 1.00 0.00 ? 24 DC  B H6     1 
# 
